data_2MZ0
#
_entry.id   2MZ0
#
_entity_poly.entity_id   1
_entity_poly.type   'polypeptide(L)'
_entity_poly.pdbx_seq_one_letter_code
;KDIDGRKPLLIGTCIEFPTEKCNKTCIESNFAGGKCVHIGQSLDFVCVCFPKYYI
;
_entity_poly.pdbx_strand_id   A
#
# COMPACT_ATOMS: atom_id res chain seq x y z
N LYS A 1 -16.56 8.01 10.63
CA LYS A 1 -15.08 7.95 10.47
C LYS A 1 -14.57 9.31 10.00
N ASP A 2 -14.13 10.13 10.96
CA ASP A 2 -13.62 11.46 10.65
C ASP A 2 -12.12 11.42 10.42
N ILE A 3 -11.57 10.22 10.31
CA ILE A 3 -10.13 10.08 10.09
C ILE A 3 -9.78 10.43 8.66
N ASP A 4 -8.90 11.41 8.50
CA ASP A 4 -8.48 11.84 7.17
C ASP A 4 -7.74 10.72 6.47
N GLY A 5 -6.82 10.08 7.19
CA GLY A 5 -6.04 8.98 6.63
C GLY A 5 -5.60 9.28 5.22
N ARG A 6 -4.53 10.06 5.09
CA ARG A 6 -4.02 10.44 3.77
C ARG A 6 -2.50 10.26 3.68
N LYS A 7 -1.96 9.21 4.29
CA LYS A 7 -0.51 8.95 4.26
C LYS A 7 -0.21 7.52 3.81
N PRO A 8 -0.28 7.26 2.53
CA PRO A 8 0.02 5.90 1.97
C PRO A 8 1.46 5.47 2.28
N LEU A 9 1.66 4.17 2.52
CA LEU A 9 3.00 3.65 2.82
C LEU A 9 3.45 2.67 1.74
N LEU A 10 4.56 3.00 1.07
CA LEU A 10 5.11 2.14 0.03
C LEU A 10 6.10 1.18 0.68
N ILE A 11 5.98 -0.11 0.38
CA ILE A 11 6.87 -1.12 0.98
C ILE A 11 7.84 -1.65 -0.06
N GLY A 12 7.32 -1.96 -1.23
CA GLY A 12 8.14 -2.47 -2.31
C GLY A 12 7.43 -2.37 -3.63
N THR A 13 8.06 -2.89 -4.67
CA THR A 13 7.51 -2.86 -6.00
C THR A 13 6.61 -4.07 -6.20
N CYS A 14 5.46 -3.86 -6.80
CA CYS A 14 4.52 -4.96 -7.04
C CYS A 14 5.26 -6.17 -7.63
N ILE A 15 6.51 -5.97 -8.06
CA ILE A 15 7.29 -7.06 -8.63
C ILE A 15 7.67 -8.06 -7.55
N GLU A 16 8.09 -7.54 -6.41
CA GLU A 16 8.50 -8.37 -5.30
C GLU A 16 7.30 -8.70 -4.42
N PHE A 17 6.32 -7.79 -4.38
CA PHE A 17 5.11 -7.99 -3.58
C PHE A 17 3.86 -7.85 -4.45
N PRO A 18 3.47 -8.92 -5.12
CA PRO A 18 2.24 -8.92 -5.98
C PRO A 18 1.01 -8.43 -5.24
N THR A 19 -0.15 -8.45 -5.89
CA THR A 19 -1.38 -7.96 -5.26
C THR A 19 -1.70 -8.70 -3.96
N GLU A 20 -1.69 -10.03 -4.00
CA GLU A 20 -2.01 -10.83 -2.82
C GLU A 20 -1.12 -10.47 -1.64
N LYS A 21 0.19 -10.61 -1.82
CA LYS A 21 1.14 -10.31 -0.75
C LYS A 21 1.10 -8.85 -0.37
N CYS A 22 1.08 -8.00 -1.38
CA CYS A 22 1.10 -6.58 -1.16
C CYS A 22 0.13 -6.18 -0.06
N ASN A 23 -1.14 -6.52 -0.24
CA ASN A 23 -2.15 -6.18 0.74
C ASN A 23 -1.87 -6.89 2.06
N LYS A 24 -1.66 -8.20 2.00
CA LYS A 24 -1.41 -8.97 3.21
C LYS A 24 -0.31 -8.30 4.02
N THR A 25 0.72 -7.84 3.33
CA THR A 25 1.82 -7.17 3.99
C THR A 25 1.32 -5.88 4.63
N CYS A 26 0.44 -5.20 3.92
CA CYS A 26 -0.10 -3.95 4.42
C CYS A 26 -1.02 -4.19 5.64
N ILE A 27 -1.68 -5.34 5.66
CA ILE A 27 -2.59 -5.69 6.73
C ILE A 27 -1.84 -5.84 8.04
N GLU A 28 -0.74 -6.57 7.99
CA GLU A 28 0.05 -6.79 9.19
C GLU A 28 0.74 -5.49 9.63
N SER A 29 0.91 -4.57 8.69
CA SER A 29 1.54 -3.29 8.99
C SER A 29 0.58 -2.41 9.77
N ASN A 30 -0.63 -2.93 9.97
CA ASN A 30 -1.67 -2.21 10.69
C ASN A 30 -2.33 -1.16 9.80
N PHE A 31 -2.30 -1.41 8.50
CA PHE A 31 -2.89 -0.48 7.52
C PHE A 31 -4.14 -1.11 6.90
N ALA A 32 -4.96 -0.26 6.28
CA ALA A 32 -6.19 -0.75 5.65
C ALA A 32 -5.86 -1.58 4.40
N GLY A 33 -4.74 -2.28 4.44
CA GLY A 33 -4.33 -3.11 3.32
C GLY A 33 -3.64 -2.25 2.25
N GLY A 34 -3.33 -2.87 1.12
CA GLY A 34 -2.67 -2.16 0.03
C GLY A 34 -2.98 -2.81 -1.32
N LYS A 35 -2.46 -2.21 -2.38
CA LYS A 35 -2.70 -2.71 -3.73
C LYS A 35 -1.57 -2.30 -4.67
N CYS A 36 -1.66 -2.76 -5.92
CA CYS A 36 -0.65 -2.42 -6.94
C CYS A 36 -1.21 -1.38 -7.90
N VAL A 37 -0.57 -0.20 -7.94
CA VAL A 37 -1.02 0.88 -8.81
C VAL A 37 0.17 1.54 -9.51
N HIS A 38 -0.11 2.22 -10.62
CA HIS A 38 0.95 2.90 -11.38
C HIS A 38 1.10 4.34 -10.90
N ILE A 39 2.26 4.92 -11.16
CA ILE A 39 2.55 6.30 -10.75
C ILE A 39 2.52 7.23 -11.96
N GLY A 40 1.73 8.30 -11.85
CA GLY A 40 1.63 9.26 -12.94
C GLY A 40 1.58 8.56 -14.30
N GLN A 41 2.73 8.50 -14.97
CA GLN A 41 2.81 7.85 -16.29
C GLN A 41 4.06 6.96 -16.34
N SER A 42 4.57 6.57 -15.19
CA SER A 42 5.76 5.72 -15.13
C SER A 42 5.38 4.27 -15.40
N LEU A 43 4.08 4.02 -15.43
CA LEU A 43 3.59 2.68 -15.66
C LEU A 43 4.34 1.67 -14.76
N ASP A 44 4.78 2.14 -13.60
CA ASP A 44 5.49 1.27 -12.65
C ASP A 44 4.55 0.89 -11.51
N PHE A 45 4.31 -0.41 -11.35
CA PHE A 45 3.41 -0.89 -10.30
C PHE A 45 4.13 -0.94 -8.98
N VAL A 46 3.51 -0.39 -7.94
CA VAL A 46 4.10 -0.38 -6.62
C VAL A 46 3.08 -0.79 -5.57
N CYS A 47 3.58 -1.36 -4.48
CA CYS A 47 2.72 -1.80 -3.39
C CYS A 47 2.63 -0.72 -2.34
N VAL A 48 1.43 -0.14 -2.18
CA VAL A 48 1.23 0.92 -1.21
C VAL A 48 0.08 0.58 -0.27
N CYS A 49 0.29 0.87 1.02
CA CYS A 49 -0.73 0.58 2.03
C CYS A 49 -1.55 1.84 2.32
N PHE A 50 -2.70 1.67 2.97
CA PHE A 50 -3.57 2.80 3.29
C PHE A 50 -3.71 2.99 4.81
N PRO A 51 -3.84 4.22 5.28
CA PRO A 51 -3.99 4.51 6.74
C PRO A 51 -5.30 3.94 7.30
N LYS A 52 -5.26 3.58 8.58
CA LYS A 52 -6.45 3.01 9.24
C LYS A 52 -6.52 3.50 10.69
N TYR A 53 -5.38 3.48 11.37
CA TYR A 53 -5.30 3.91 12.78
C TYR A 53 -4.55 5.24 12.90
N TYR A 54 -4.49 5.98 11.81
CA TYR A 54 -3.80 7.27 11.82
C TYR A 54 -4.72 8.34 12.38
N ILE A 55 -4.55 8.65 13.66
CA ILE A 55 -5.38 9.67 14.32
C ILE A 55 -4.51 10.80 14.84
N LYS A 1 -7.35 6.61 14.03
CA LYS A 1 -7.52 7.35 15.30
C LYS A 1 -6.30 8.26 15.52
N ASP A 2 -6.10 8.69 16.77
CA ASP A 2 -4.97 9.55 17.10
C ASP A 2 -3.66 8.90 16.68
N ILE A 3 -3.75 7.67 16.15
CA ILE A 3 -2.57 6.94 15.71
C ILE A 3 -1.89 7.70 14.57
N ASP A 4 -0.59 7.91 14.72
CA ASP A 4 0.18 8.61 13.69
C ASP A 4 0.25 7.77 12.42
N GLY A 5 0.16 6.45 12.58
CA GLY A 5 0.24 5.53 11.44
C GLY A 5 -1.07 5.54 10.66
N ARG A 6 -1.32 6.65 9.98
CA ARG A 6 -2.54 6.80 9.19
C ARG A 6 -2.20 7.30 7.79
N LYS A 7 -1.03 6.93 7.28
CA LYS A 7 -0.60 7.36 5.95
C LYS A 7 -0.19 6.15 5.10
N PRO A 8 -0.36 6.23 3.80
CA PRO A 8 0.01 5.11 2.90
C PRO A 8 1.49 4.73 3.04
N LEU A 9 1.77 3.42 3.00
CA LEU A 9 3.14 2.93 3.13
C LEU A 9 3.54 2.11 1.91
N LEU A 10 4.59 2.56 1.22
CA LEU A 10 5.08 1.86 0.03
C LEU A 10 6.18 0.88 0.45
N ILE A 11 6.01 -0.40 0.08
CA ILE A 11 6.97 -1.44 0.44
C ILE A 11 7.85 -1.78 -0.75
N GLY A 12 7.22 -2.01 -1.90
CA GLY A 12 7.96 -2.35 -3.10
C GLY A 12 7.07 -2.26 -4.33
N THR A 13 7.22 -3.24 -5.22
CA THR A 13 6.44 -3.30 -6.45
C THR A 13 5.87 -4.70 -6.66
N CYS A 14 4.82 -4.78 -7.47
CA CYS A 14 4.19 -6.06 -7.76
C CYS A 14 5.22 -7.04 -8.31
N ILE A 15 6.44 -6.55 -8.54
CA ILE A 15 7.49 -7.40 -9.07
C ILE A 15 8.04 -8.32 -7.99
N GLU A 16 7.94 -7.88 -6.75
CA GLU A 16 8.43 -8.65 -5.60
C GLU A 16 7.31 -8.87 -4.60
N PHE A 17 6.35 -7.94 -4.57
CA PHE A 17 5.21 -8.04 -3.67
C PHE A 17 3.90 -8.02 -4.46
N PRO A 18 3.50 -9.14 -5.02
CA PRO A 18 2.24 -9.24 -5.81
C PRO A 18 1.04 -8.73 -5.02
N THR A 19 -0.13 -8.76 -5.62
CA THR A 19 -1.33 -8.28 -4.94
C THR A 19 -1.52 -8.95 -3.59
N GLU A 20 -1.68 -10.26 -3.61
CA GLU A 20 -1.90 -11.03 -2.39
C GLU A 20 -0.96 -10.58 -1.26
N LYS A 21 0.33 -10.67 -1.51
CA LYS A 21 1.33 -10.27 -0.52
C LYS A 21 1.26 -8.78 -0.24
N CYS A 22 1.18 -8.02 -1.30
CA CYS A 22 1.14 -6.59 -1.18
C CYS A 22 0.17 -6.15 -0.09
N ASN A 23 -1.10 -6.52 -0.25
CA ASN A 23 -2.12 -6.17 0.73
C ASN A 23 -1.85 -6.88 2.04
N LYS A 24 -1.73 -8.20 2.00
CA LYS A 24 -1.49 -8.96 3.23
C LYS A 24 -0.41 -8.29 4.06
N THR A 25 0.66 -7.87 3.42
CA THR A 25 1.74 -7.22 4.12
C THR A 25 1.26 -5.91 4.74
N CYS A 26 0.42 -5.21 3.99
CA CYS A 26 -0.11 -3.94 4.46
C CYS A 26 -1.04 -4.14 5.65
N ILE A 27 -1.70 -5.29 5.68
CA ILE A 27 -2.63 -5.61 6.76
C ILE A 27 -1.86 -5.72 8.06
N GLU A 28 -0.71 -6.36 7.99
CA GLU A 28 0.11 -6.56 9.16
C GLU A 28 0.63 -5.22 9.69
N SER A 29 0.97 -4.33 8.76
CA SER A 29 1.50 -3.02 9.13
C SER A 29 0.41 -2.16 9.77
N ASN A 30 -0.75 -2.75 9.99
CA ASN A 30 -1.88 -2.05 10.61
C ASN A 30 -2.48 -1.02 9.65
N PHE A 31 -2.79 -1.47 8.43
CA PHE A 31 -3.38 -0.59 7.42
C PHE A 31 -4.56 -1.27 6.74
N ALA A 32 -5.38 -0.47 6.06
CA ALA A 32 -6.55 -0.99 5.38
C ALA A 32 -6.14 -1.84 4.17
N GLY A 33 -4.92 -2.35 4.20
CA GLY A 33 -4.40 -3.17 3.11
C GLY A 33 -3.71 -2.30 2.08
N GLY A 34 -3.27 -2.92 0.98
CA GLY A 34 -2.58 -2.20 -0.07
C GLY A 34 -2.87 -2.83 -1.44
N LYS A 35 -2.39 -2.17 -2.49
CA LYS A 35 -2.61 -2.66 -3.85
C LYS A 35 -1.52 -2.15 -4.78
N CYS A 36 -1.60 -2.56 -6.05
CA CYS A 36 -0.63 -2.13 -7.06
C CYS A 36 -1.26 -1.09 -7.98
N VAL A 37 -0.58 0.05 -8.14
CA VAL A 37 -1.07 1.12 -9.01
C VAL A 37 0.06 1.65 -9.88
N HIS A 38 -0.31 2.28 -10.99
CA HIS A 38 0.68 2.83 -11.92
C HIS A 38 0.81 4.34 -11.72
N ILE A 39 1.96 4.88 -12.11
CA ILE A 39 2.22 6.31 -11.96
C ILE A 39 2.29 6.97 -13.33
N GLY A 40 1.52 8.02 -13.52
CA GLY A 40 1.50 8.74 -14.79
C GLY A 40 1.57 7.77 -15.96
N GLN A 41 2.77 7.59 -16.50
CA GLN A 41 2.98 6.70 -17.64
C GLN A 41 4.24 5.86 -17.43
N SER A 42 4.59 5.62 -16.17
CA SER A 42 5.78 4.82 -15.86
C SER A 42 5.45 3.35 -15.83
N LEU A 43 4.21 3.01 -16.17
CA LEU A 43 3.75 1.62 -16.18
C LEU A 43 4.40 0.81 -15.05
N ASP A 44 4.75 1.50 -13.97
CA ASP A 44 5.38 0.85 -12.83
C ASP A 44 4.37 0.59 -11.74
N PHE A 45 4.22 -0.68 -11.37
CA PHE A 45 3.27 -1.06 -10.33
C PHE A 45 3.94 -0.97 -8.96
N VAL A 46 3.41 -0.09 -8.12
CA VAL A 46 3.95 0.10 -6.77
C VAL A 46 2.97 -0.40 -5.73
N CYS A 47 3.48 -1.12 -4.74
CA CYS A 47 2.64 -1.66 -3.68
C CYS A 47 2.60 -0.69 -2.51
N VAL A 48 1.41 -0.15 -2.23
CA VAL A 48 1.25 0.80 -1.14
C VAL A 48 0.07 0.44 -0.27
N CYS A 49 0.15 0.83 1.00
CA CYS A 49 -0.93 0.53 1.94
C CYS A 49 -1.84 1.73 2.07
N PHE A 50 -2.95 1.56 2.77
CA PHE A 50 -3.91 2.66 2.94
C PHE A 50 -4.44 2.71 4.38
N PRO A 51 -4.65 3.89 4.91
CA PRO A 51 -5.19 4.06 6.30
C PRO A 51 -6.65 3.60 6.40
N LYS A 52 -7.09 3.36 7.63
CA LYS A 52 -8.47 2.92 7.87
C LYS A 52 -9.47 3.92 7.30
N TYR A 53 -9.76 4.97 8.08
CA TYR A 53 -10.70 6.00 7.65
C TYR A 53 -10.11 7.39 7.85
N TYR A 54 -8.80 7.53 7.60
CA TYR A 54 -8.13 8.80 7.75
C TYR A 54 -8.41 9.69 6.55
N ILE A 55 -9.39 10.59 6.70
CA ILE A 55 -9.75 11.50 5.62
C ILE A 55 -10.37 12.77 6.19
N LYS A 1 4.34 0.30 18.60
CA LYS A 1 4.66 1.39 17.63
C LYS A 1 3.88 2.64 18.00
N ASP A 2 4.59 3.65 18.50
CA ASP A 2 3.95 4.91 18.88
C ASP A 2 3.46 5.65 17.65
N ILE A 3 3.80 5.15 16.47
CA ILE A 3 3.39 5.77 15.22
C ILE A 3 1.89 5.61 15.00
N ASP A 4 1.24 6.70 14.61
CA ASP A 4 -0.18 6.69 14.37
C ASP A 4 -0.52 5.77 13.21
N GLY A 5 0.31 5.79 12.18
CA GLY A 5 0.09 4.95 11.01
C GLY A 5 -1.26 5.23 10.37
N ARG A 6 -1.40 6.43 9.83
CA ARG A 6 -2.63 6.84 9.20
C ARG A 6 -2.36 7.42 7.82
N LYS A 7 -1.23 7.07 7.24
CA LYS A 7 -0.87 7.56 5.91
C LYS A 7 -0.39 6.42 5.00
N PRO A 8 -0.61 6.52 3.70
CA PRO A 8 -0.16 5.47 2.74
C PRO A 8 1.30 5.09 2.97
N LEU A 9 1.58 3.79 2.94
CA LEU A 9 2.96 3.31 3.15
C LEU A 9 3.39 2.42 2.00
N LEU A 10 4.55 2.71 1.43
CA LEU A 10 5.09 1.93 0.34
C LEU A 10 5.99 0.83 0.88
N ILE A 11 5.85 -0.37 0.32
CA ILE A 11 6.64 -1.52 0.75
C ILE A 11 7.72 -1.83 -0.30
N GLY A 12 7.30 -1.88 -1.56
CA GLY A 12 8.24 -2.18 -2.65
C GLY A 12 7.58 -2.00 -4.01
N THR A 13 7.62 -3.05 -4.81
CA THR A 13 7.02 -3.02 -6.15
C THR A 13 6.08 -4.20 -6.32
N CYS A 14 5.06 -4.01 -7.15
CA CYS A 14 4.10 -5.07 -7.41
C CYS A 14 4.77 -6.24 -8.10
N ILE A 15 6.10 -6.15 -8.26
CA ILE A 15 6.86 -7.22 -8.91
C ILE A 15 7.28 -8.26 -7.87
N GLU A 16 7.70 -7.79 -6.71
CA GLU A 16 8.14 -8.68 -5.63
C GLU A 16 7.02 -8.87 -4.60
N PHE A 17 5.98 -8.05 -4.70
CA PHE A 17 4.84 -8.13 -3.78
C PHE A 17 3.53 -8.29 -4.55
N PRO A 18 3.22 -9.49 -4.98
CA PRO A 18 1.94 -9.80 -5.72
C PRO A 18 0.72 -9.30 -4.95
N THR A 19 -0.43 -9.29 -5.60
CA THR A 19 -1.65 -8.81 -4.95
C THR A 19 -1.81 -9.38 -3.55
N GLU A 20 -1.88 -10.69 -3.46
CA GLU A 20 -2.06 -11.36 -2.18
C GLU A 20 -1.10 -10.81 -1.11
N LYS A 21 0.19 -10.93 -1.35
CA LYS A 21 1.19 -10.44 -0.39
C LYS A 21 1.10 -8.95 -0.20
N CYS A 22 1.00 -8.24 -1.30
CA CYS A 22 0.94 -6.81 -1.25
C CYS A 22 0.01 -6.33 -0.14
N ASN A 23 -1.25 -6.74 -0.24
CA ASN A 23 -2.22 -6.36 0.76
C ASN A 23 -1.90 -7.01 2.11
N LYS A 24 -1.82 -8.33 2.13
CA LYS A 24 -1.54 -9.04 3.37
C LYS A 24 -0.41 -8.36 4.14
N THR A 25 0.63 -7.96 3.43
CA THR A 25 1.74 -7.29 4.05
C THR A 25 1.29 -5.96 4.64
N CYS A 26 0.45 -5.26 3.91
CA CYS A 26 -0.05 -3.97 4.35
C CYS A 26 -0.94 -4.14 5.59
N ILE A 27 -1.61 -5.27 5.67
CA ILE A 27 -2.50 -5.55 6.79
C ILE A 27 -1.70 -5.64 8.07
N GLU A 28 -0.55 -6.29 7.97
CA GLU A 28 0.30 -6.49 9.13
C GLU A 28 0.83 -5.14 9.63
N SER A 29 1.15 -4.27 8.68
CA SER A 29 1.68 -2.95 9.02
C SER A 29 0.59 -2.09 9.65
N ASN A 30 -0.58 -2.69 9.89
CA ASN A 30 -1.70 -1.98 10.49
C ASN A 30 -2.29 -0.96 9.52
N PHE A 31 -2.67 -1.42 8.33
CA PHE A 31 -3.25 -0.56 7.32
C PHE A 31 -4.43 -1.25 6.64
N ALA A 32 -5.27 -0.45 5.98
CA ALA A 32 -6.45 -0.99 5.29
C ALA A 32 -6.04 -1.82 4.08
N GLY A 33 -4.85 -2.41 4.14
CA GLY A 33 -4.33 -3.22 3.04
C GLY A 33 -3.65 -2.34 2.00
N GLY A 34 -3.22 -2.96 0.91
CA GLY A 34 -2.53 -2.22 -0.16
C GLY A 34 -2.82 -2.84 -1.52
N LYS A 35 -2.34 -2.19 -2.58
CA LYS A 35 -2.56 -2.66 -3.93
C LYS A 35 -1.49 -2.13 -4.88
N CYS A 36 -1.60 -2.47 -6.15
CA CYS A 36 -0.65 -2.01 -7.16
C CYS A 36 -1.26 -0.90 -8.00
N VAL A 37 -0.53 0.21 -8.14
CA VAL A 37 -1.01 1.34 -8.93
C VAL A 37 0.13 1.91 -9.78
N HIS A 38 -0.23 2.67 -10.80
CA HIS A 38 0.77 3.29 -11.69
C HIS A 38 0.81 4.79 -11.45
N ILE A 39 1.94 5.40 -11.82
CA ILE A 39 2.12 6.84 -11.65
C ILE A 39 2.42 7.50 -12.99
N GLY A 40 1.64 8.52 -13.32
CA GLY A 40 1.83 9.23 -14.58
C GLY A 40 2.12 8.26 -15.72
N GLN A 41 3.20 8.52 -16.46
CA GLN A 41 3.60 7.66 -17.57
C GLN A 41 4.83 6.83 -17.21
N SER A 42 4.95 6.50 -15.92
CA SER A 42 6.10 5.71 -15.46
C SER A 42 5.85 4.23 -15.67
N LEU A 43 4.63 3.90 -16.02
CA LEU A 43 4.24 2.51 -16.24
C LEU A 43 4.87 1.59 -15.19
N ASP A 44 5.11 2.15 -14.01
CA ASP A 44 5.70 1.38 -12.92
C ASP A 44 4.66 1.08 -11.86
N PHE A 45 4.52 -0.20 -11.51
CA PHE A 45 3.54 -0.61 -10.51
C PHE A 45 4.21 -0.61 -9.14
N VAL A 46 3.61 0.13 -8.19
CA VAL A 46 4.13 0.23 -6.84
C VAL A 46 3.10 -0.27 -5.84
N CYS A 47 3.57 -1.03 -4.85
CA CYS A 47 2.68 -1.57 -3.83
C CYS A 47 2.67 -0.63 -2.62
N VAL A 48 1.48 -0.11 -2.32
CA VAL A 48 1.34 0.82 -1.20
C VAL A 48 0.14 0.44 -0.35
N CYS A 49 0.20 0.82 0.92
CA CYS A 49 -0.88 0.52 1.85
C CYS A 49 -1.78 1.73 1.98
N PHE A 50 -2.91 1.56 2.67
CA PHE A 50 -3.88 2.65 2.85
C PHE A 50 -4.31 2.76 4.31
N PRO A 51 -4.61 3.95 4.77
CA PRO A 51 -5.05 4.19 6.17
C PRO A 51 -6.44 3.59 6.45
N LYS A 52 -6.75 3.41 7.73
CA LYS A 52 -8.03 2.85 8.12
C LYS A 52 -9.17 3.79 7.75
N TYR A 53 -9.40 4.80 8.59
CA TYR A 53 -10.48 5.77 8.36
C TYR A 53 -9.94 7.21 8.46
N TYR A 54 -8.68 7.40 8.08
CA TYR A 54 -8.07 8.72 8.14
C TYR A 54 -8.61 9.60 7.02
N ILE A 55 -9.12 10.76 7.40
CA ILE A 55 -9.68 11.69 6.43
C ILE A 55 -9.66 13.11 6.98
N LYS A 1 -7.58 16.47 -1.21
CA LYS A 1 -8.29 15.55 -0.27
C LYS A 1 -8.01 15.97 1.16
N ASP A 2 -9.07 16.22 1.92
CA ASP A 2 -8.93 16.61 3.32
C ASP A 2 -9.14 15.42 4.23
N ILE A 3 -9.32 14.24 3.63
CA ILE A 3 -9.53 13.02 4.40
C ILE A 3 -8.44 12.87 5.46
N ASP A 4 -8.84 12.40 6.63
CA ASP A 4 -7.89 12.20 7.73
C ASP A 4 -6.85 11.15 7.36
N GLY A 5 -7.27 10.10 6.68
CA GLY A 5 -6.36 9.03 6.29
C GLY A 5 -5.78 9.32 4.92
N ARG A 6 -4.68 10.04 4.89
CA ARG A 6 -4.01 10.40 3.65
C ARG A 6 -2.51 10.14 3.75
N LYS A 7 -2.12 9.03 4.36
CA LYS A 7 -0.71 8.70 4.51
C LYS A 7 -0.42 7.27 4.07
N PRO A 8 -0.32 7.06 2.79
CA PRO A 8 -0.02 5.71 2.21
C PRO A 8 1.37 5.25 2.59
N LEU A 9 1.58 3.94 2.57
CA LEU A 9 2.89 3.38 2.92
C LEU A 9 3.38 2.45 1.82
N LEU A 10 4.50 2.81 1.19
CA LEU A 10 5.07 1.99 0.13
C LEU A 10 6.08 1.02 0.73
N ILE A 11 5.94 -0.27 0.42
CA ILE A 11 6.84 -1.29 0.97
C ILE A 11 7.84 -1.76 -0.09
N GLY A 12 7.34 -2.12 -1.26
CA GLY A 12 8.18 -2.58 -2.34
C GLY A 12 7.46 -2.46 -3.67
N THR A 13 7.99 -3.13 -4.68
CA THR A 13 7.41 -3.09 -6.01
C THR A 13 6.37 -4.19 -6.18
N CYS A 14 5.46 -4.02 -7.13
CA CYS A 14 4.42 -5.00 -7.37
C CYS A 14 5.03 -6.27 -7.97
N ILE A 15 6.36 -6.31 -8.03
CA ILE A 15 7.05 -7.46 -8.59
C ILE A 15 7.38 -8.45 -7.48
N GLU A 16 7.89 -7.94 -6.36
CA GLU A 16 8.23 -8.78 -5.21
C GLU A 16 7.05 -8.90 -4.26
N PHE A 17 6.04 -8.07 -4.47
CA PHE A 17 4.84 -8.08 -3.63
C PHE A 17 3.60 -7.82 -4.47
N PRO A 18 3.08 -8.85 -5.11
CA PRO A 18 1.85 -8.73 -5.96
C PRO A 18 0.61 -8.40 -5.12
N THR A 19 -0.55 -8.44 -5.75
CA THR A 19 -1.78 -8.11 -5.05
C THR A 19 -1.88 -8.86 -3.72
N GLU A 20 -1.80 -10.17 -3.78
CA GLU A 20 -1.92 -11.01 -2.59
C GLU A 20 -1.02 -10.50 -1.45
N LYS A 21 0.27 -10.68 -1.62
CA LYS A 21 1.21 -10.28 -0.58
C LYS A 21 1.14 -8.79 -0.32
N CYS A 22 1.05 -8.01 -1.37
CA CYS A 22 1.00 -6.57 -1.19
C CYS A 22 0.05 -6.18 -0.07
N ASN A 23 -1.21 -6.55 -0.24
CA ASN A 23 -2.21 -6.22 0.76
C ASN A 23 -1.91 -6.93 2.08
N LYS A 24 -1.78 -8.24 2.04
CA LYS A 24 -1.51 -9.00 3.26
C LYS A 24 -0.39 -8.35 4.07
N THR A 25 0.64 -7.92 3.37
CA THR A 25 1.77 -7.29 4.02
C THR A 25 1.34 -5.95 4.63
N CYS A 26 0.46 -5.25 3.92
CA CYS A 26 -0.03 -3.97 4.39
C CYS A 26 -0.89 -4.17 5.64
N ILE A 27 -1.61 -5.28 5.68
CA ILE A 27 -2.48 -5.59 6.80
C ILE A 27 -1.68 -5.71 8.07
N GLU A 28 -0.58 -6.43 8.00
CA GLU A 28 0.26 -6.63 9.17
C GLU A 28 0.89 -5.31 9.62
N SER A 29 1.13 -4.44 8.65
CA SER A 29 1.75 -3.15 8.91
C SER A 29 0.77 -2.23 9.60
N ASN A 30 -0.43 -2.74 9.85
CA ASN A 30 -1.47 -1.95 10.50
C ASN A 30 -2.07 -0.93 9.54
N PHE A 31 -2.52 -1.41 8.38
CA PHE A 31 -3.11 -0.53 7.38
C PHE A 31 -4.34 -1.18 6.75
N ALA A 32 -5.17 -0.37 6.11
CA ALA A 32 -6.37 -0.87 5.46
C ALA A 32 -6.02 -1.70 4.23
N GLY A 33 -4.85 -2.35 4.27
CA GLY A 33 -4.39 -3.16 3.16
C GLY A 33 -3.71 -2.30 2.12
N GLY A 34 -3.29 -2.92 1.01
CA GLY A 34 -2.62 -2.21 -0.07
C GLY A 34 -2.95 -2.82 -1.42
N LYS A 35 -2.42 -2.22 -2.49
CA LYS A 35 -2.67 -2.70 -3.83
C LYS A 35 -1.56 -2.24 -4.78
N CYS A 36 -1.70 -2.56 -6.06
CA CYS A 36 -0.70 -2.18 -7.06
C CYS A 36 -1.24 -1.07 -7.96
N VAL A 37 -0.55 0.06 -7.99
CA VAL A 37 -0.97 1.19 -8.83
C VAL A 37 0.23 1.82 -9.53
N HIS A 38 -0.06 2.62 -10.55
CA HIS A 38 0.99 3.30 -11.32
C HIS A 38 1.24 4.69 -10.75
N ILE A 39 2.43 5.22 -11.02
CA ILE A 39 2.81 6.55 -10.52
C ILE A 39 2.88 7.55 -11.67
N GLY A 40 2.12 8.63 -11.55
CA GLY A 40 2.09 9.66 -12.57
C GLY A 40 2.04 9.07 -13.96
N GLN A 41 1.60 7.83 -14.05
CA GLN A 41 1.50 7.14 -15.33
C GLN A 41 2.89 6.77 -15.85
N SER A 42 3.78 6.41 -14.94
CA SER A 42 5.14 6.04 -15.33
C SER A 42 5.22 4.57 -15.72
N LEU A 43 4.09 3.89 -15.59
CA LEU A 43 4.01 2.48 -15.92
C LEU A 43 4.79 1.64 -14.92
N ASP A 44 4.91 2.15 -13.71
CA ASP A 44 5.61 1.44 -12.65
C ASP A 44 4.61 1.02 -11.58
N PHE A 45 4.45 -0.28 -11.38
CA PHE A 45 3.51 -0.77 -10.38
C PHE A 45 4.22 -0.90 -9.04
N VAL A 46 3.62 -0.33 -8.00
CA VAL A 46 4.21 -0.39 -6.67
C VAL A 46 3.15 -0.77 -5.64
N CYS A 47 3.61 -1.36 -4.54
CA CYS A 47 2.70 -1.80 -3.47
C CYS A 47 2.61 -0.72 -2.41
N VAL A 48 1.40 -0.19 -2.20
CA VAL A 48 1.19 0.86 -1.21
C VAL A 48 0.02 0.52 -0.31
N CYS A 49 0.13 0.87 0.97
CA CYS A 49 -0.93 0.59 1.91
C CYS A 49 -1.80 1.81 2.10
N PHE A 50 -2.95 1.62 2.75
CA PHE A 50 -3.89 2.72 2.97
C PHE A 50 -4.16 2.90 4.48
N PRO A 51 -4.30 4.12 4.92
CA PRO A 51 -4.57 4.42 6.36
C PRO A 51 -5.95 3.91 6.79
N LYS A 52 -6.05 3.44 8.03
CA LYS A 52 -7.30 2.94 8.57
C LYS A 52 -8.05 4.06 9.31
N TYR A 53 -7.51 4.45 10.46
CA TYR A 53 -8.13 5.51 11.26
C TYR A 53 -7.09 6.55 11.65
N TYR A 54 -6.12 6.80 10.77
CA TYR A 54 -5.07 7.76 11.04
C TYR A 54 -5.66 9.16 11.21
N ILE A 55 -5.26 9.85 12.27
CA ILE A 55 -5.76 11.20 12.54
C ILE A 55 -4.68 12.05 13.21
N LYS A 1 -11.56 14.48 12.34
CA LYS A 1 -11.93 13.61 11.19
C LYS A 1 -10.66 13.19 10.47
N ASP A 2 -9.58 13.05 11.24
CA ASP A 2 -8.31 12.63 10.66
C ASP A 2 -8.46 11.22 10.10
N ILE A 3 -9.62 10.63 10.34
CA ILE A 3 -9.92 9.29 9.85
C ILE A 3 -9.83 9.23 8.34
N ASP A 4 -9.52 10.37 7.72
CA ASP A 4 -9.43 10.44 6.28
C ASP A 4 -8.45 9.39 5.76
N GLY A 5 -7.36 9.20 6.50
CA GLY A 5 -6.37 8.23 6.09
C GLY A 5 -5.58 8.74 4.91
N ARG A 6 -4.54 9.51 5.19
CA ARG A 6 -3.72 10.11 4.15
C ARG A 6 -2.24 9.85 4.38
N LYS A 7 -1.89 8.65 4.83
CA LYS A 7 -0.51 8.26 5.07
C LYS A 7 -0.20 6.89 4.45
N PRO A 8 -0.09 6.83 3.16
CA PRO A 8 0.23 5.56 2.44
C PRO A 8 1.67 5.13 2.70
N LEU A 9 1.95 3.84 2.60
CA LEU A 9 3.30 3.32 2.83
C LEU A 9 3.70 2.41 1.67
N LEU A 10 4.74 2.80 0.93
CA LEU A 10 5.21 2.00 -0.20
C LEU A 10 6.25 1.00 0.30
N ILE A 11 6.01 -0.29 0.02
CA ILE A 11 6.93 -1.35 0.45
C ILE A 11 7.80 -1.83 -0.70
N GLY A 12 7.17 -2.08 -1.84
CA GLY A 12 7.90 -2.55 -3.00
C GLY A 12 7.05 -2.41 -4.26
N THR A 13 7.12 -3.43 -5.11
CA THR A 13 6.38 -3.45 -6.36
C THR A 13 5.75 -4.83 -6.57
N CYS A 14 4.72 -4.88 -7.41
CA CYS A 14 4.06 -6.13 -7.70
C CYS A 14 5.08 -7.19 -8.13
N ILE A 15 6.29 -6.74 -8.42
CA ILE A 15 7.34 -7.66 -8.85
C ILE A 15 7.80 -8.51 -7.68
N GLU A 16 7.99 -7.86 -6.54
CA GLU A 16 8.45 -8.53 -5.33
C GLU A 16 7.28 -8.80 -4.38
N PHE A 17 6.31 -7.89 -4.36
CA PHE A 17 5.13 -8.04 -3.49
C PHE A 17 3.86 -8.16 -4.34
N PRO A 18 3.54 -9.35 -4.79
CA PRO A 18 2.33 -9.59 -5.65
C PRO A 18 1.08 -8.95 -5.02
N THR A 19 -0.06 -9.11 -5.68
CA THR A 19 -1.30 -8.53 -5.17
C THR A 19 -1.63 -9.04 -3.76
N GLU A 20 -1.62 -10.35 -3.60
CA GLU A 20 -1.93 -10.95 -2.30
C GLU A 20 -0.94 -10.52 -1.22
N LYS A 21 0.35 -10.63 -1.51
CA LYS A 21 1.37 -10.28 -0.53
C LYS A 21 1.30 -8.79 -0.21
N CYS A 22 1.21 -8.00 -1.27
CA CYS A 22 1.15 -6.55 -1.14
C CYS A 22 0.17 -6.12 -0.06
N ASN A 23 -1.09 -6.48 -0.24
CA ASN A 23 -2.11 -6.13 0.72
C ASN A 23 -1.86 -6.80 2.05
N LYS A 24 -1.62 -8.11 2.03
CA LYS A 24 -1.37 -8.84 3.26
C LYS A 24 -0.35 -8.10 4.10
N THR A 25 0.68 -7.60 3.45
CA THR A 25 1.71 -6.89 4.18
C THR A 25 1.13 -5.65 4.86
N CYS A 26 0.29 -4.93 4.14
CA CYS A 26 -0.34 -3.73 4.71
C CYS A 26 -1.25 -4.12 5.85
N ILE A 27 -1.85 -5.28 5.71
CA ILE A 27 -2.76 -5.82 6.71
C ILE A 27 -2.01 -6.12 7.99
N GLU A 28 -0.83 -6.70 7.82
CA GLU A 28 0.00 -7.06 8.94
C GLU A 28 0.43 -5.83 9.71
N SER A 29 0.64 -4.74 8.98
CA SER A 29 1.05 -3.49 9.58
C SER A 29 -0.07 -2.92 10.43
N ASN A 30 -1.19 -3.65 10.46
CA ASN A 30 -2.36 -3.24 11.23
C ASN A 30 -3.16 -2.20 10.46
N PHE A 31 -2.89 -2.07 9.16
CA PHE A 31 -3.60 -1.10 8.33
C PHE A 31 -4.78 -1.77 7.62
N ALA A 32 -5.36 -1.06 6.65
CA ALA A 32 -6.52 -1.59 5.92
C ALA A 32 -6.12 -2.65 4.88
N GLY A 33 -5.15 -2.29 4.06
CA GLY A 33 -4.69 -3.18 3.01
C GLY A 33 -3.89 -2.39 1.98
N GLY A 34 -3.41 -3.06 0.94
CA GLY A 34 -2.61 -2.40 -0.09
C GLY A 34 -2.91 -2.96 -1.47
N LYS A 35 -2.40 -2.29 -2.48
CA LYS A 35 -2.63 -2.73 -3.86
C LYS A 35 -1.54 -2.20 -4.79
N CYS A 36 -1.64 -2.58 -6.06
CA CYS A 36 -0.67 -2.14 -7.07
C CYS A 36 -1.30 -1.06 -7.95
N VAL A 37 -0.60 0.06 -8.10
CA VAL A 37 -1.08 1.18 -8.91
C VAL A 37 0.04 1.73 -9.78
N HIS A 38 -0.32 2.51 -10.79
CA HIS A 38 0.66 3.12 -11.71
C HIS A 38 0.73 4.62 -11.46
N ILE A 39 1.87 5.20 -11.84
CA ILE A 39 2.10 6.64 -11.66
C ILE A 39 2.41 7.30 -13.00
N GLY A 40 1.72 8.39 -13.29
CA GLY A 40 1.94 9.11 -14.54
C GLY A 40 1.96 8.15 -15.71
N GLN A 41 3.15 7.92 -16.27
CA GLN A 41 3.31 7.02 -17.42
C GLN A 41 4.53 6.13 -17.23
N SER A 42 4.84 5.78 -15.98
CA SER A 42 5.99 4.94 -15.69
C SER A 42 5.61 3.47 -15.88
N LEU A 43 4.33 3.22 -16.02
CA LEU A 43 3.82 1.88 -16.21
C LEU A 43 4.43 0.93 -15.17
N ASP A 44 4.75 1.48 -14.00
CA ASP A 44 5.33 0.71 -12.92
C ASP A 44 4.29 0.47 -11.83
N PHE A 45 4.18 -0.79 -11.37
CA PHE A 45 3.23 -1.13 -10.32
C PHE A 45 3.91 -1.06 -8.96
N VAL A 46 3.41 -0.16 -8.11
CA VAL A 46 3.96 0.03 -6.77
C VAL A 46 2.97 -0.45 -5.73
N CYS A 47 3.48 -1.16 -4.73
CA CYS A 47 2.64 -1.68 -3.66
C CYS A 47 2.60 -0.70 -2.51
N VAL A 48 1.39 -0.21 -2.21
CA VAL A 48 1.23 0.76 -1.12
C VAL A 48 0.15 0.30 -0.15
N CYS A 49 0.29 0.71 1.11
CA CYS A 49 -0.67 0.35 2.16
C CYS A 49 -1.66 1.50 2.34
N PHE A 50 -2.78 1.24 3.03
CA PHE A 50 -3.81 2.28 3.22
C PHE A 50 -4.18 2.43 4.70
N PRO A 51 -4.08 3.62 5.28
CA PRO A 51 -4.43 3.84 6.72
C PRO A 51 -5.83 3.32 7.08
N LYS A 52 -5.92 2.67 8.24
CA LYS A 52 -7.19 2.14 8.74
C LYS A 52 -7.65 2.91 9.97
N TYR A 53 -6.74 3.08 10.93
CA TYR A 53 -7.05 3.80 12.18
C TYR A 53 -6.01 4.87 12.47
N TYR A 54 -5.58 5.57 11.43
CA TYR A 54 -4.58 6.61 11.59
C TYR A 54 -5.25 7.91 12.01
N ILE A 55 -5.26 8.18 13.31
CA ILE A 55 -5.88 9.37 13.85
C ILE A 55 -4.83 10.42 14.18
N LYS A 1 2.39 2.89 21.09
CA LYS A 1 2.72 3.85 20.00
C LYS A 1 1.66 4.95 19.95
N ASP A 2 2.07 6.17 20.25
CA ASP A 2 1.15 7.31 20.24
C ASP A 2 1.09 7.93 18.85
N ILE A 3 1.78 7.31 17.91
CA ILE A 3 1.79 7.80 16.53
C ILE A 3 0.47 7.50 15.84
N ASP A 4 -0.11 8.53 15.23
CA ASP A 4 -1.39 8.36 14.53
C ASP A 4 -1.23 7.35 13.40
N GLY A 5 -0.13 7.46 12.66
CA GLY A 5 0.13 6.55 11.55
C GLY A 5 -1.11 6.36 10.71
N ARG A 6 -1.44 7.37 9.90
CA ARG A 6 -2.61 7.31 9.06
C ARG A 6 -2.26 7.68 7.61
N LYS A 7 -1.04 7.35 7.19
CA LYS A 7 -0.58 7.65 5.83
C LYS A 7 -0.16 6.37 5.10
N PRO A 8 -0.30 6.32 3.79
CA PRO A 8 0.09 5.13 2.98
C PRO A 8 1.59 4.83 3.10
N LEU A 9 1.95 3.57 2.87
CA LEU A 9 3.36 3.14 2.97
C LEU A 9 3.75 2.31 1.74
N LEU A 10 4.76 2.77 1.00
CA LEU A 10 5.24 2.05 -0.18
C LEU A 10 6.33 1.08 0.25
N ILE A 11 6.20 -0.20 -0.14
CA ILE A 11 7.18 -1.21 0.26
C ILE A 11 8.13 -1.52 -0.89
N GLY A 12 7.58 -1.64 -2.08
CA GLY A 12 8.38 -1.93 -3.26
C GLY A 12 7.54 -1.86 -4.52
N THR A 13 7.84 -2.75 -5.46
CA THR A 13 7.12 -2.81 -6.72
C THR A 13 6.08 -3.90 -6.68
N CYS A 14 5.14 -3.86 -7.61
CA CYS A 14 4.09 -4.87 -7.67
C CYS A 14 4.65 -6.17 -8.23
N ILE A 15 5.97 -6.23 -8.39
CA ILE A 15 6.63 -7.41 -8.92
C ILE A 15 7.09 -8.32 -7.78
N GLU A 16 7.67 -7.70 -6.76
CA GLU A 16 8.17 -8.45 -5.60
C GLU A 16 7.07 -8.61 -4.56
N PHE A 17 5.97 -7.87 -4.74
CA PHE A 17 4.84 -7.93 -3.81
C PHE A 17 3.56 -8.30 -4.56
N PRO A 18 3.36 -9.57 -4.81
CA PRO A 18 2.13 -10.07 -5.51
C PRO A 18 0.86 -9.49 -4.89
N THR A 19 -0.27 -9.61 -5.60
CA THR A 19 -1.53 -9.05 -5.11
C THR A 19 -1.77 -9.42 -3.64
N GLU A 20 -1.71 -10.72 -3.33
CA GLU A 20 -1.94 -11.18 -1.97
C GLU A 20 -0.90 -10.61 -0.99
N LYS A 21 0.38 -10.82 -1.29
CA LYS A 21 1.44 -10.34 -0.40
C LYS A 21 1.34 -8.84 -0.18
N CYS A 22 1.15 -8.14 -1.27
CA CYS A 22 1.06 -6.70 -1.22
C CYS A 22 0.11 -6.24 -0.12
N ASN A 23 -1.17 -6.57 -0.29
CA ASN A 23 -2.17 -6.18 0.69
C ASN A 23 -1.90 -6.84 2.02
N LYS A 24 -1.65 -8.14 2.01
CA LYS A 24 -1.39 -8.85 3.25
C LYS A 24 -0.37 -8.08 4.08
N THR A 25 0.64 -7.57 3.42
CA THR A 25 1.68 -6.84 4.12
C THR A 25 1.10 -5.60 4.80
N CYS A 26 0.23 -4.89 4.09
CA CYS A 26 -0.39 -3.69 4.65
C CYS A 26 -1.30 -4.08 5.79
N ILE A 27 -1.89 -5.25 5.67
CA ILE A 27 -2.79 -5.76 6.68
C ILE A 27 -2.05 -6.04 7.97
N GLU A 28 -0.85 -6.58 7.82
CA GLU A 28 -0.03 -6.91 8.98
C GLU A 28 0.34 -5.65 9.74
N SER A 29 0.55 -4.57 9.01
CA SER A 29 0.91 -3.31 9.61
C SER A 29 -0.27 -2.75 10.40
N ASN A 30 -1.36 -3.51 10.44
CA ASN A 30 -2.56 -3.11 11.15
C ASN A 30 -3.35 -2.07 10.36
N PHE A 31 -3.06 -1.97 9.05
CA PHE A 31 -3.76 -1.01 8.19
C PHE A 31 -4.92 -1.69 7.47
N ALA A 32 -5.48 -0.98 6.49
CA ALA A 32 -6.62 -1.50 5.72
C ALA A 32 -6.20 -2.58 4.73
N GLY A 33 -5.20 -2.25 3.92
CA GLY A 33 -4.70 -3.17 2.91
C GLY A 33 -3.88 -2.40 1.89
N GLY A 34 -3.39 -3.09 0.87
CA GLY A 34 -2.56 -2.45 -0.16
C GLY A 34 -2.86 -3.03 -1.52
N LYS A 35 -2.34 -2.38 -2.56
CA LYS A 35 -2.57 -2.84 -3.92
C LYS A 35 -1.51 -2.30 -4.86
N CYS A 36 -1.66 -2.60 -6.15
CA CYS A 36 -0.73 -2.13 -7.16
C CYS A 36 -1.33 -0.96 -7.94
N VAL A 37 -0.67 0.18 -7.89
CA VAL A 37 -1.15 1.38 -8.59
C VAL A 37 0.00 2.04 -9.35
N HIS A 38 -0.35 2.92 -10.28
CA HIS A 38 0.65 3.63 -11.08
C HIS A 38 0.34 5.12 -11.14
N ILE A 39 1.36 5.92 -11.42
CA ILE A 39 1.21 7.36 -11.50
C ILE A 39 1.09 7.78 -12.95
N GLY A 40 0.14 8.68 -13.25
CA GLY A 40 -0.07 9.14 -14.62
C GLY A 40 1.17 9.84 -15.16
N GLN A 41 2.25 9.09 -15.32
CA GLN A 41 3.49 9.64 -15.82
C GLN A 41 4.51 8.52 -16.01
N SER A 42 4.80 7.81 -14.93
CA SER A 42 5.76 6.71 -14.98
C SER A 42 5.09 5.40 -15.30
N LEU A 43 3.79 5.37 -15.19
CA LEU A 43 3.08 4.16 -15.50
C LEU A 43 3.74 2.93 -14.82
N ASP A 44 4.40 3.16 -13.69
CA ASP A 44 5.06 2.08 -12.96
C ASP A 44 4.15 1.58 -11.84
N PHE A 45 4.06 0.26 -11.68
CA PHE A 45 3.20 -0.32 -10.66
C PHE A 45 3.95 -0.40 -9.34
N VAL A 46 3.38 0.19 -8.29
CA VAL A 46 4.00 0.19 -6.98
C VAL A 46 3.02 -0.35 -5.95
N CYS A 47 3.57 -0.96 -4.90
CA CYS A 47 2.76 -1.52 -3.84
C CYS A 47 2.70 -0.55 -2.68
N VAL A 48 1.48 -0.22 -2.26
CA VAL A 48 1.31 0.71 -1.16
C VAL A 48 0.23 0.24 -0.19
N CYS A 49 0.33 0.69 1.07
CA CYS A 49 -0.64 0.30 2.09
C CYS A 49 -1.68 1.41 2.21
N PHE A 50 -2.80 1.11 2.86
CA PHE A 50 -3.88 2.08 3.01
C PHE A 50 -4.40 2.12 4.44
N PRO A 51 -4.44 3.27 5.08
CA PRO A 51 -4.94 3.38 6.48
C PRO A 51 -6.44 3.12 6.58
N LYS A 52 -6.89 2.75 7.78
CA LYS A 52 -8.30 2.47 8.01
C LYS A 52 -9.14 3.73 7.81
N TYR A 53 -8.46 4.85 7.65
CA TYR A 53 -9.14 6.13 7.45
C TYR A 53 -8.96 6.60 6.02
N TYR A 54 -9.03 5.67 5.07
CA TYR A 54 -8.88 6.00 3.65
C TYR A 54 -10.21 5.80 2.93
N ILE A 55 -10.71 6.87 2.31
CA ILE A 55 -11.97 6.80 1.58
C ILE A 55 -11.84 7.50 0.22
N LYS A 1 -5.83 16.63 13.20
CA LYS A 1 -6.26 15.30 12.67
C LYS A 1 -6.52 15.41 11.17
N ASP A 2 -5.84 14.56 10.40
CA ASP A 2 -6.01 14.57 8.95
C ASP A 2 -7.32 13.91 8.58
N ILE A 3 -7.47 12.65 9.00
CA ILE A 3 -8.69 11.90 8.75
C ILE A 3 -8.94 11.71 7.24
N ASP A 4 -8.41 12.63 6.44
CA ASP A 4 -8.58 12.54 5.00
C ASP A 4 -8.02 11.23 4.47
N GLY A 5 -7.03 10.71 5.19
CA GLY A 5 -6.41 9.45 4.81
C GLY A 5 -5.17 9.71 3.97
N ARG A 6 -4.11 10.16 4.62
CA ARG A 6 -2.88 10.50 3.93
C ARG A 6 -1.64 9.90 4.61
N LYS A 7 -1.76 8.66 5.05
CA LYS A 7 -0.66 7.95 5.71
C LYS A 7 -0.34 6.62 5.02
N PRO A 8 -0.30 6.61 3.71
CA PRO A 8 0.01 5.37 2.93
C PRO A 8 1.47 4.94 3.10
N LEU A 9 1.73 3.63 2.92
CA LEU A 9 3.08 3.10 3.08
C LEU A 9 3.49 2.24 1.87
N LEU A 10 4.57 2.64 1.20
CA LEU A 10 5.07 1.88 0.04
C LEU A 10 6.12 0.88 0.51
N ILE A 11 5.92 -0.40 0.16
CA ILE A 11 6.85 -1.45 0.57
C ILE A 11 7.73 -1.87 -0.59
N GLY A 12 7.13 -2.11 -1.74
CA GLY A 12 7.88 -2.53 -2.91
C GLY A 12 7.06 -2.39 -4.18
N THR A 13 7.14 -3.41 -5.02
CA THR A 13 6.41 -3.45 -6.28
C THR A 13 5.80 -4.81 -6.50
N CYS A 14 4.79 -4.87 -7.36
CA CYS A 14 4.12 -6.13 -7.65
C CYS A 14 5.15 -7.16 -8.14
N ILE A 15 6.36 -6.70 -8.44
CA ILE A 15 7.40 -7.59 -8.90
C ILE A 15 7.85 -8.50 -7.78
N GLU A 16 8.00 -7.91 -6.60
CA GLU A 16 8.44 -8.63 -5.42
C GLU A 16 7.29 -8.89 -4.44
N PHE A 17 6.31 -7.99 -4.42
CA PHE A 17 5.13 -8.14 -3.55
C PHE A 17 3.86 -8.22 -4.38
N PRO A 18 3.53 -9.39 -4.89
CA PRO A 18 2.30 -9.60 -5.72
C PRO A 18 1.07 -8.96 -5.08
N THR A 19 -0.07 -9.08 -5.74
CA THR A 19 -1.30 -8.48 -5.22
C THR A 19 -1.66 -9.01 -3.83
N GLU A 20 -1.67 -10.33 -3.69
CA GLU A 20 -2.00 -10.96 -2.42
C GLU A 20 -1.02 -10.54 -1.32
N LYS A 21 0.27 -10.70 -1.59
CA LYS A 21 1.30 -10.34 -0.62
C LYS A 21 1.25 -8.86 -0.30
N CYS A 22 1.18 -8.06 -1.34
CA CYS A 22 1.15 -6.63 -1.20
C CYS A 22 0.20 -6.20 -0.09
N ASN A 23 -1.08 -6.55 -0.26
CA ASN A 23 -2.09 -6.20 0.72
C ASN A 23 -1.82 -6.89 2.05
N LYS A 24 -1.64 -8.20 2.02
CA LYS A 24 -1.38 -8.94 3.24
C LYS A 24 -0.30 -8.26 4.06
N THR A 25 0.75 -7.81 3.40
CA THR A 25 1.83 -7.14 4.09
C THR A 25 1.34 -5.83 4.67
N CYS A 26 0.42 -5.19 3.96
CA CYS A 26 -0.12 -3.92 4.42
C CYS A 26 -1.03 -4.13 5.63
N ILE A 27 -1.73 -5.24 5.64
CA ILE A 27 -2.65 -5.57 6.72
C ILE A 27 -1.93 -5.68 8.03
N GLU A 28 -0.83 -6.43 8.02
CA GLU A 28 -0.06 -6.61 9.23
C GLU A 28 0.67 -5.33 9.62
N SER A 29 1.01 -4.54 8.62
CA SER A 29 1.73 -3.28 8.86
C SER A 29 0.80 -2.27 9.54
N ASN A 30 -0.39 -2.73 9.93
CA ASN A 30 -1.36 -1.87 10.59
C ASN A 30 -1.99 -0.87 9.63
N PHE A 31 -2.42 -1.37 8.46
CA PHE A 31 -3.04 -0.51 7.45
C PHE A 31 -4.27 -1.20 6.84
N ALA A 32 -5.14 -0.41 6.23
CA ALA A 32 -6.36 -0.95 5.61
C ALA A 32 -6.03 -1.79 4.38
N GLY A 33 -4.81 -2.30 4.33
CA GLY A 33 -4.38 -3.12 3.20
C GLY A 33 -3.72 -2.25 2.13
N GLY A 34 -3.29 -2.88 1.05
CA GLY A 34 -2.62 -2.15 -0.02
C GLY A 34 -2.89 -2.81 -1.37
N LYS A 35 -2.43 -2.17 -2.44
CA LYS A 35 -2.63 -2.68 -3.79
C LYS A 35 -1.53 -2.19 -4.73
N CYS A 36 -1.63 -2.59 -6.00
CA CYS A 36 -0.66 -2.18 -7.01
C CYS A 36 -1.27 -1.11 -7.94
N VAL A 37 -0.59 0.03 -8.05
CA VAL A 37 -1.07 1.13 -8.89
C VAL A 37 0.09 1.74 -9.68
N HIS A 38 -0.25 2.55 -10.69
CA HIS A 38 0.77 3.20 -11.53
C HIS A 38 0.84 4.70 -11.22
N ILE A 39 2.01 5.29 -11.50
CA ILE A 39 2.24 6.70 -11.24
C ILE A 39 2.77 7.42 -12.48
N GLY A 40 2.11 8.50 -12.88
CA GLY A 40 2.54 9.28 -14.04
C GLY A 40 2.51 8.44 -15.31
N GLN A 41 1.72 7.39 -15.30
CA GLN A 41 1.62 6.51 -16.45
C GLN A 41 2.99 5.95 -16.81
N SER A 42 3.79 5.67 -15.79
CA SER A 42 5.13 5.14 -15.99
C SER A 42 5.06 3.64 -16.23
N LEU A 43 3.90 3.07 -16.01
CA LEU A 43 3.71 1.66 -16.20
C LEU A 43 4.47 0.88 -15.12
N ASP A 44 4.62 1.50 -13.95
CA ASP A 44 5.31 0.88 -12.82
C ASP A 44 4.31 0.56 -11.72
N PHE A 45 4.20 -0.72 -11.34
CA PHE A 45 3.27 -1.10 -10.28
C PHE A 45 3.96 -1.05 -8.93
N VAL A 46 3.46 -0.17 -8.07
CA VAL A 46 4.00 0.01 -6.72
C VAL A 46 3.00 -0.49 -5.70
N CYS A 47 3.51 -1.20 -4.70
CA CYS A 47 2.66 -1.74 -3.65
C CYS A 47 2.60 -0.76 -2.50
N VAL A 48 1.41 -0.20 -2.27
CA VAL A 48 1.24 0.79 -1.20
C VAL A 48 0.05 0.45 -0.32
N CYS A 49 0.17 0.81 0.96
CA CYS A 49 -0.88 0.56 1.93
C CYS A 49 -1.72 1.80 2.12
N PHE A 50 -2.84 1.66 2.83
CA PHE A 50 -3.74 2.79 3.05
C PHE A 50 -4.10 2.94 4.54
N PRO A 51 -4.24 4.16 5.03
CA PRO A 51 -4.62 4.41 6.46
C PRO A 51 -5.83 3.56 6.88
N LYS A 52 -5.73 3.01 8.09
CA LYS A 52 -6.76 2.14 8.65
C LYS A 52 -8.18 2.66 8.37
N TYR A 53 -8.67 3.54 9.24
CA TYR A 53 -10.02 4.10 9.10
C TYR A 53 -9.95 5.59 8.84
N TYR A 54 -8.77 6.04 8.45
CA TYR A 54 -8.55 7.45 8.17
C TYR A 54 -8.78 7.71 6.69
N ILE A 55 -9.94 8.28 6.36
CA ILE A 55 -10.30 8.57 4.98
C ILE A 55 -11.30 9.72 4.92
N LYS A 1 2.83 5.86 18.31
CA LYS A 1 1.71 6.14 17.37
C LYS A 1 0.87 7.31 17.91
N ASP A 2 -0.38 7.04 18.24
CA ASP A 2 -1.26 8.09 18.75
C ASP A 2 -1.37 9.19 17.70
N ILE A 3 -1.39 8.78 16.44
CA ILE A 3 -1.47 9.72 15.31
C ILE A 3 -2.68 9.41 14.44
N ASP A 4 -3.07 10.37 13.61
CA ASP A 4 -4.22 10.20 12.72
C ASP A 4 -3.99 9.02 11.79
N GLY A 5 -2.79 8.96 11.21
CA GLY A 5 -2.44 7.89 10.29
C GLY A 5 -3.06 8.13 8.93
N ARG A 6 -2.47 9.06 8.19
CA ARG A 6 -2.96 9.38 6.86
C ARG A 6 -1.82 9.42 5.85
N LYS A 7 -0.89 8.47 5.96
CA LYS A 7 0.24 8.41 5.04
C LYS A 7 0.45 7.01 4.45
N PRO A 8 0.04 6.78 3.22
CA PRO A 8 0.25 5.46 2.56
C PRO A 8 1.70 5.00 2.68
N LEU A 9 1.91 3.70 2.86
CA LEU A 9 3.26 3.15 3.01
C LEU A 9 3.63 2.29 1.81
N LEU A 10 4.78 2.61 1.21
CA LEU A 10 5.28 1.86 0.06
C LEU A 10 6.21 0.75 0.56
N ILE A 11 5.95 -0.47 0.11
CA ILE A 11 6.75 -1.63 0.53
C ILE A 11 7.63 -2.10 -0.62
N GLY A 12 7.07 -2.08 -1.83
CA GLY A 12 7.81 -2.49 -3.01
C GLY A 12 6.96 -2.34 -4.26
N THR A 13 7.09 -3.30 -5.16
CA THR A 13 6.34 -3.29 -6.42
C THR A 13 5.75 -4.65 -6.73
N CYS A 14 4.76 -4.66 -7.62
CA CYS A 14 4.10 -5.91 -8.00
C CYS A 14 5.13 -6.88 -8.59
N ILE A 15 6.37 -6.43 -8.69
CA ILE A 15 7.43 -7.27 -9.23
C ILE A 15 7.82 -8.33 -8.21
N GLU A 16 7.53 -8.04 -6.94
CA GLU A 16 7.85 -8.97 -5.86
C GLU A 16 6.68 -9.12 -4.89
N PHE A 17 5.88 -8.06 -4.76
CA PHE A 17 4.72 -8.08 -3.86
C PHE A 17 3.41 -7.94 -4.65
N PRO A 18 2.79 -9.05 -5.01
CA PRO A 18 1.53 -9.04 -5.79
C PRO A 18 0.33 -8.73 -4.91
N THR A 19 -0.86 -8.72 -5.48
CA THR A 19 -2.06 -8.41 -4.70
C THR A 19 -2.05 -9.18 -3.38
N GLU A 20 -1.80 -10.47 -3.46
CA GLU A 20 -1.79 -11.33 -2.28
C GLU A 20 -0.87 -10.76 -1.18
N LYS A 21 0.44 -10.82 -1.42
CA LYS A 21 1.41 -10.35 -0.43
C LYS A 21 1.28 -8.86 -0.19
N CYS A 22 1.21 -8.11 -1.27
CA CYS A 22 1.11 -6.66 -1.21
C CYS A 22 0.14 -6.23 -0.12
N ASN A 23 -1.10 -6.66 -0.24
CA ASN A 23 -2.09 -6.30 0.75
C ASN A 23 -1.76 -6.93 2.11
N LYS A 24 -1.61 -8.24 2.12
CA LYS A 24 -1.31 -8.96 3.36
C LYS A 24 -0.23 -8.23 4.15
N THR A 25 0.79 -7.76 3.45
CA THR A 25 1.86 -7.05 4.11
C THR A 25 1.32 -5.75 4.69
N CYS A 26 0.41 -5.13 3.97
CA CYS A 26 -0.18 -3.88 4.42
C CYS A 26 -1.13 -4.12 5.59
N ILE A 27 -1.82 -5.25 5.56
CA ILE A 27 -2.78 -5.61 6.59
C ILE A 27 -2.09 -5.78 7.93
N GLU A 28 -0.99 -6.51 7.91
CA GLU A 28 -0.24 -6.73 9.13
C GLU A 28 0.46 -5.45 9.56
N SER A 29 0.83 -4.63 8.60
CA SER A 29 1.51 -3.37 8.88
C SER A 29 0.59 -2.39 9.59
N ASN A 30 -0.64 -2.85 9.87
CA ASN A 30 -1.63 -2.02 10.56
C ASN A 30 -2.21 -0.96 9.61
N PHE A 31 -2.52 -1.39 8.39
CA PHE A 31 -3.10 -0.50 7.38
C PHE A 31 -4.32 -1.15 6.72
N ALA A 32 -5.16 -0.33 6.09
CA ALA A 32 -6.36 -0.83 5.44
C ALA A 32 -6.00 -1.64 4.19
N GLY A 33 -4.85 -2.30 4.23
CA GLY A 33 -4.39 -3.12 3.11
C GLY A 33 -3.69 -2.26 2.07
N GLY A 34 -3.29 -2.89 0.98
CA GLY A 34 -2.59 -2.18 -0.09
C GLY A 34 -2.86 -2.82 -1.44
N LYS A 35 -2.42 -2.16 -2.50
CA LYS A 35 -2.62 -2.67 -3.85
C LYS A 35 -1.56 -2.12 -4.79
N CYS A 36 -1.65 -2.50 -6.07
CA CYS A 36 -0.71 -2.05 -7.09
C CYS A 36 -1.35 -0.96 -7.95
N VAL A 37 -0.67 0.17 -8.07
CA VAL A 37 -1.16 1.29 -8.88
C VAL A 37 -0.04 1.88 -9.71
N HIS A 38 -0.41 2.60 -10.77
CA HIS A 38 0.57 3.24 -11.65
C HIS A 38 0.62 4.73 -11.39
N ILE A 39 1.75 5.35 -11.73
CA ILE A 39 1.94 6.78 -11.53
C ILE A 39 1.93 7.50 -12.87
N GLY A 40 1.06 8.50 -12.99
CA GLY A 40 0.96 9.28 -14.22
C GLY A 40 1.03 8.36 -15.45
N GLN A 41 2.23 8.17 -15.97
CA GLN A 41 2.43 7.33 -17.15
C GLN A 41 3.75 6.56 -17.05
N SER A 42 4.15 6.25 -15.82
CA SER A 42 5.39 5.51 -15.59
C SER A 42 5.16 4.02 -15.72
N LEU A 43 3.90 3.64 -15.89
CA LEU A 43 3.55 2.25 -16.04
C LEU A 43 4.27 1.39 -14.99
N ASP A 44 4.58 2.00 -13.84
CA ASP A 44 5.26 1.29 -12.76
C ASP A 44 4.25 0.94 -11.66
N PHE A 45 4.08 -0.35 -11.38
CA PHE A 45 3.15 -0.79 -10.36
C PHE A 45 3.83 -0.81 -9.01
N VAL A 46 3.33 0.02 -8.09
CA VAL A 46 3.89 0.13 -6.74
C VAL A 46 2.91 -0.41 -5.72
N CYS A 47 3.42 -1.17 -4.75
CA CYS A 47 2.57 -1.74 -3.71
C CYS A 47 2.55 -0.80 -2.53
N VAL A 48 1.42 -0.13 -2.31
CA VAL A 48 1.31 0.83 -1.22
C VAL A 48 0.13 0.48 -0.32
N CYS A 49 0.25 0.82 0.96
CA CYS A 49 -0.81 0.53 1.92
C CYS A 49 -1.66 1.76 2.11
N PHE A 50 -2.85 1.59 2.66
CA PHE A 50 -3.77 2.71 2.86
C PHE A 50 -4.08 2.92 4.35
N PRO A 51 -4.22 4.14 4.79
CA PRO A 51 -4.55 4.45 6.22
C PRO A 51 -5.94 3.92 6.60
N LYS A 52 -6.10 3.56 7.87
CA LYS A 52 -7.38 3.04 8.37
C LYS A 52 -8.46 4.11 8.28
N TYR A 53 -8.06 5.30 7.84
CA TYR A 53 -8.99 6.41 7.70
C TYR A 53 -9.27 6.71 6.23
N TYR A 54 -8.96 5.74 5.37
CA TYR A 54 -9.18 5.91 3.94
C TYR A 54 -10.63 5.59 3.59
N ILE A 55 -11.31 6.55 2.99
CA ILE A 55 -12.71 6.38 2.60
C ILE A 55 -13.05 7.27 1.41
N LYS A 1 -8.54 15.44 2.46
CA LYS A 1 -9.36 14.26 2.85
C LYS A 1 -9.77 14.39 4.32
N ASP A 2 -11.03 14.05 4.60
CA ASP A 2 -11.53 14.14 5.96
C ASP A 2 -10.96 13.01 6.82
N ILE A 3 -10.17 12.14 6.19
CA ILE A 3 -9.55 11.02 6.91
C ILE A 3 -8.21 11.43 7.50
N ASP A 4 -8.08 11.21 8.79
CA ASP A 4 -6.84 11.54 9.49
C ASP A 4 -5.71 10.67 8.98
N GLY A 5 -6.03 9.42 8.65
CA GLY A 5 -5.03 8.50 8.15
C GLY A 5 -4.78 8.70 6.67
N ARG A 6 -3.77 9.48 6.35
CA ARG A 6 -3.42 9.78 4.97
C ARG A 6 -1.91 9.61 4.73
N LYS A 7 -1.32 8.57 5.31
CA LYS A 7 0.11 8.31 5.16
C LYS A 7 0.35 6.94 4.53
N PRO A 8 0.29 6.86 3.22
CA PRO A 8 0.52 5.58 2.49
C PRO A 8 1.91 5.03 2.78
N LEU A 9 2.04 3.71 2.79
CA LEU A 9 3.33 3.08 3.07
C LEU A 9 3.76 2.29 1.86
N LEU A 10 4.86 2.71 1.23
CA LEU A 10 5.37 1.99 0.06
C LEU A 10 6.41 0.97 0.49
N ILE A 11 6.19 -0.30 0.12
CA ILE A 11 7.10 -1.39 0.48
C ILE A 11 7.96 -1.79 -0.72
N GLY A 12 7.34 -1.85 -1.89
CA GLY A 12 8.06 -2.21 -3.10
C GLY A 12 7.16 -2.10 -4.32
N THR A 13 7.28 -3.07 -5.23
CA THR A 13 6.48 -3.09 -6.45
C THR A 13 5.91 -4.48 -6.70
N CYS A 14 4.95 -4.55 -7.62
CA CYS A 14 4.32 -5.82 -7.95
C CYS A 14 5.38 -6.82 -8.44
N ILE A 15 6.61 -6.35 -8.60
CA ILE A 15 7.68 -7.20 -9.07
C ILE A 15 8.13 -8.15 -7.98
N GLU A 16 7.90 -7.76 -6.73
CA GLU A 16 8.28 -8.58 -5.58
C GLU A 16 7.11 -8.77 -4.64
N PHE A 17 6.20 -7.79 -4.60
CA PHE A 17 5.02 -7.87 -3.74
C PHE A 17 3.74 -7.87 -4.58
N PRO A 18 3.24 -9.03 -4.94
CA PRO A 18 1.99 -9.16 -5.77
C PRO A 18 0.74 -8.78 -4.99
N THR A 19 -0.41 -8.92 -5.62
CA THR A 19 -1.66 -8.58 -4.96
C THR A 19 -1.72 -9.16 -3.54
N GLU A 20 -1.87 -10.47 -3.46
CA GLU A 20 -1.96 -11.16 -2.18
C GLU A 20 -0.97 -10.58 -1.16
N LYS A 21 0.30 -10.83 -1.38
CA LYS A 21 1.33 -10.37 -0.45
C LYS A 21 1.23 -8.88 -0.21
N CYS A 22 1.25 -8.11 -1.29
CA CYS A 22 1.18 -6.67 -1.19
C CYS A 22 0.17 -6.24 -0.13
N ASN A 23 -1.07 -6.63 -0.31
CA ASN A 23 -2.12 -6.29 0.65
C ASN A 23 -1.86 -6.95 1.99
N LYS A 24 -1.66 -8.26 1.98
CA LYS A 24 -1.44 -8.98 3.22
C LYS A 24 -0.39 -8.28 4.08
N THR A 25 0.67 -7.83 3.44
CA THR A 25 1.72 -7.15 4.16
C THR A 25 1.18 -5.86 4.76
N CYS A 26 0.37 -5.16 3.99
CA CYS A 26 -0.19 -3.92 4.45
C CYS A 26 -1.13 -4.17 5.63
N ILE A 27 -1.76 -5.33 5.63
CA ILE A 27 -2.68 -5.68 6.70
C ILE A 27 -1.94 -5.81 8.02
N GLU A 28 -0.75 -6.38 7.93
CA GLU A 28 0.05 -6.59 9.13
C GLU A 28 0.47 -5.25 9.74
N SER A 29 0.67 -4.26 8.87
CA SER A 29 1.07 -2.94 9.32
C SER A 29 -0.10 -2.22 9.97
N ASN A 30 -1.25 -2.88 9.96
CA ASN A 30 -2.47 -2.32 10.55
C ASN A 30 -3.10 -1.29 9.62
N PHE A 31 -2.98 -1.53 8.31
CA PHE A 31 -3.54 -0.63 7.30
C PHE A 31 -4.72 -1.29 6.61
N ALA A 32 -5.50 -0.48 5.90
CA ALA A 32 -6.66 -0.99 5.19
C ALA A 32 -6.24 -1.85 4.00
N GLY A 33 -5.01 -2.36 4.06
CA GLY A 33 -4.48 -3.20 2.99
C GLY A 33 -3.77 -2.35 1.95
N GLY A 34 -3.26 -2.99 0.89
CA GLY A 34 -2.55 -2.29 -0.16
C GLY A 34 -2.77 -2.97 -1.50
N LYS A 35 -2.34 -2.29 -2.57
CA LYS A 35 -2.50 -2.83 -3.91
C LYS A 35 -1.45 -2.23 -4.86
N CYS A 36 -1.55 -2.60 -6.14
CA CYS A 36 -0.62 -2.08 -7.14
C CYS A 36 -1.30 -1.02 -7.99
N VAL A 37 -0.67 0.15 -8.06
CA VAL A 37 -1.22 1.26 -8.86
C VAL A 37 -0.12 1.90 -9.70
N HIS A 38 -0.53 2.67 -10.71
CA HIS A 38 0.40 3.34 -11.61
C HIS A 38 0.38 4.85 -11.34
N ILE A 39 1.45 5.52 -11.71
CA ILE A 39 1.58 6.96 -11.51
C ILE A 39 1.84 7.67 -12.84
N GLY A 40 1.08 8.73 -13.10
CA GLY A 40 1.25 9.49 -14.33
C GLY A 40 1.26 8.57 -15.53
N GLN A 41 2.46 8.34 -16.08
CA GLN A 41 2.59 7.47 -17.25
C GLN A 41 3.86 6.63 -17.14
N SER A 42 4.24 6.30 -15.90
CA SER A 42 5.44 5.50 -15.68
C SER A 42 5.13 4.01 -15.77
N LEU A 43 3.85 3.71 -15.90
CA LEU A 43 3.41 2.32 -15.98
C LEU A 43 4.12 1.47 -14.93
N ASP A 44 4.46 2.09 -13.81
CA ASP A 44 5.15 1.39 -12.73
C ASP A 44 4.15 1.01 -11.63
N PHE A 45 4.09 -0.28 -11.31
CA PHE A 45 3.17 -0.76 -10.28
C PHE A 45 3.86 -0.71 -8.92
N VAL A 46 3.29 0.09 -8.02
CA VAL A 46 3.84 0.25 -6.67
C VAL A 46 2.89 -0.33 -5.65
N CYS A 47 3.44 -1.07 -4.68
CA CYS A 47 2.64 -1.69 -3.64
C CYS A 47 2.57 -0.76 -2.44
N VAL A 48 1.42 -0.11 -2.25
CA VAL A 48 1.26 0.82 -1.14
C VAL A 48 0.06 0.44 -0.30
N CYS A 49 0.08 0.85 0.96
CA CYS A 49 -1.01 0.55 1.87
C CYS A 49 -1.94 1.75 1.99
N PHE A 50 -3.05 1.56 2.69
CA PHE A 50 -4.01 2.64 2.89
C PHE A 50 -4.44 2.69 4.37
N PRO A 51 -4.18 3.78 5.07
CA PRO A 51 -4.56 3.91 6.51
C PRO A 51 -6.03 3.54 6.75
N LYS A 52 -6.27 2.65 7.71
CA LYS A 52 -7.61 2.23 8.05
C LYS A 52 -8.12 3.04 9.25
N TYR A 53 -7.40 2.92 10.37
CA TYR A 53 -7.77 3.63 11.60
C TYR A 53 -6.55 4.32 12.22
N TYR A 54 -5.62 4.72 11.38
CA TYR A 54 -4.41 5.36 11.85
C TYR A 54 -4.74 6.62 12.63
N ILE A 55 -4.83 6.48 13.95
CA ILE A 55 -5.15 7.62 14.81
C ILE A 55 -4.37 7.50 16.13
N LYS A 1 4.26 3.58 17.56
CA LYS A 1 3.48 4.25 16.50
C LYS A 1 2.35 5.06 17.13
N ASP A 2 2.67 5.78 18.20
CA ASP A 2 1.67 6.61 18.86
C ASP A 2 1.21 7.72 17.94
N ILE A 3 1.90 7.85 16.81
CA ILE A 3 1.59 8.86 15.82
C ILE A 3 0.14 8.68 15.34
N ASP A 4 -0.35 9.66 14.59
CA ASP A 4 -1.70 9.61 14.08
C ASP A 4 -1.91 8.41 13.16
N GLY A 5 -0.92 8.14 12.31
CA GLY A 5 -1.01 7.02 11.38
C GLY A 5 -2.10 7.23 10.36
N ARG A 6 -1.94 8.26 9.55
CA ARG A 6 -2.94 8.59 8.52
C ARG A 6 -2.26 8.80 7.16
N LYS A 7 -1.15 8.09 6.93
CA LYS A 7 -0.42 8.22 5.66
C LYS A 7 -0.09 6.84 5.07
N PRO A 8 -0.06 6.71 3.76
CA PRO A 8 0.26 5.41 3.08
C PRO A 8 1.75 5.06 3.16
N LEU A 9 2.06 3.77 2.99
CA LEU A 9 3.46 3.30 3.07
C LEU A 9 3.82 2.46 1.83
N LEU A 10 4.84 2.91 1.08
CA LEU A 10 5.29 2.16 -0.10
C LEU A 10 6.35 1.15 0.32
N ILE A 11 6.22 -0.10 -0.16
CA ILE A 11 7.18 -1.14 0.22
C ILE A 11 8.08 -1.51 -0.95
N GLY A 12 7.51 -1.50 -2.15
CA GLY A 12 8.27 -1.84 -3.34
C GLY A 12 7.38 -1.88 -4.56
N THR A 13 7.80 -2.66 -5.55
CA THR A 13 7.03 -2.80 -6.78
C THR A 13 6.04 -3.95 -6.65
N CYS A 14 5.08 -3.99 -7.56
CA CYS A 14 4.08 -5.05 -7.54
C CYS A 14 4.69 -6.35 -8.07
N ILE A 15 6.00 -6.34 -8.30
CA ILE A 15 6.69 -7.52 -8.80
C ILE A 15 7.21 -8.35 -7.64
N GLU A 16 7.76 -7.65 -6.65
CA GLU A 16 8.29 -8.32 -5.47
C GLU A 16 7.20 -8.51 -4.42
N PHE A 17 6.06 -7.82 -4.63
CA PHE A 17 4.93 -7.91 -3.72
C PHE A 17 3.66 -8.33 -4.45
N PRO A 18 3.49 -9.60 -4.70
CA PRO A 18 2.28 -10.12 -5.39
C PRO A 18 1.01 -9.55 -4.76
N THR A 19 -0.11 -9.64 -5.46
CA THR A 19 -1.35 -9.08 -4.96
C THR A 19 -1.60 -9.46 -3.50
N GLU A 20 -1.54 -10.74 -3.22
CA GLU A 20 -1.76 -11.26 -1.87
C GLU A 20 -0.74 -10.68 -0.87
N LYS A 21 0.54 -10.84 -1.16
CA LYS A 21 1.57 -10.34 -0.26
C LYS A 21 1.44 -8.85 -0.07
N CYS A 22 1.23 -8.16 -1.17
CA CYS A 22 1.09 -6.72 -1.15
C CYS A 22 0.13 -6.27 -0.05
N ASN A 23 -1.14 -6.63 -0.22
CA ASN A 23 -2.15 -6.25 0.75
C ASN A 23 -1.91 -6.90 2.10
N LYS A 24 -1.62 -8.20 2.11
CA LYS A 24 -1.35 -8.90 3.37
C LYS A 24 -0.32 -8.15 4.16
N THR A 25 0.66 -7.59 3.47
CA THR A 25 1.72 -6.86 4.13
C THR A 25 1.15 -5.63 4.84
N CYS A 26 0.25 -4.94 4.15
CA CYS A 26 -0.37 -3.75 4.72
C CYS A 26 -1.36 -4.14 5.82
N ILE A 27 -2.00 -5.28 5.64
CA ILE A 27 -2.99 -5.78 6.59
C ILE A 27 -2.34 -6.13 7.91
N GLU A 28 -1.23 -6.84 7.82
CA GLU A 28 -0.52 -7.24 9.02
C GLU A 28 0.11 -6.03 9.68
N SER A 29 0.47 -5.05 8.86
CA SER A 29 1.09 -3.83 9.37
C SER A 29 0.09 -3.07 10.24
N ASN A 30 -1.10 -3.66 10.39
CA ASN A 30 -2.16 -3.06 11.18
C ASN A 30 -2.89 -1.96 10.41
N PHE A 31 -2.65 -1.90 9.09
CA PHE A 31 -3.28 -0.88 8.27
C PHE A 31 -4.51 -1.48 7.55
N ALA A 32 -5.04 -0.74 6.58
CA ALA A 32 -6.23 -1.19 5.85
C ALA A 32 -5.91 -2.29 4.84
N GLY A 33 -4.95 -2.02 3.96
CA GLY A 33 -4.56 -2.97 2.93
C GLY A 33 -3.70 -2.28 1.89
N GLY A 34 -3.25 -3.03 0.89
CA GLY A 34 -2.40 -2.48 -0.16
C GLY A 34 -2.81 -2.97 -1.53
N LYS A 35 -2.37 -2.24 -2.55
CA LYS A 35 -2.69 -2.57 -3.93
C LYS A 35 -1.61 -2.05 -4.88
N CYS A 36 -1.72 -2.47 -6.14
CA CYS A 36 -0.77 -2.06 -7.18
C CYS A 36 -1.42 -1.02 -8.10
N VAL A 37 -0.86 0.19 -8.12
CA VAL A 37 -1.41 1.27 -8.96
C VAL A 37 -0.30 2.08 -9.62
N HIS A 38 -0.68 3.11 -10.37
CA HIS A 38 0.29 3.97 -11.06
C HIS A 38 0.25 5.38 -10.50
N ILE A 39 1.41 6.04 -10.51
CA ILE A 39 1.53 7.42 -10.00
C ILE A 39 2.09 8.35 -11.06
N GLY A 40 1.40 9.46 -11.29
CA GLY A 40 1.85 10.43 -12.29
C GLY A 40 1.74 9.86 -13.69
N GLN A 41 0.90 8.86 -13.86
CA GLN A 41 0.72 8.22 -15.15
C GLN A 41 2.05 7.69 -15.65
N SER A 42 2.90 7.30 -14.70
CA SER A 42 4.20 6.75 -15.03
C SER A 42 4.08 5.36 -15.62
N LEU A 43 2.89 4.82 -15.52
CA LEU A 43 2.64 3.48 -16.03
C LEU A 43 3.50 2.46 -15.28
N ASP A 44 3.79 2.77 -14.01
CA ASP A 44 4.60 1.89 -13.16
C ASP A 44 3.72 1.30 -12.07
N PHE A 45 3.90 0.01 -11.78
CA PHE A 45 3.12 -0.64 -10.74
C PHE A 45 3.87 -0.58 -9.41
N VAL A 46 3.26 0.10 -8.43
CA VAL A 46 3.87 0.24 -7.12
C VAL A 46 2.91 -0.26 -6.05
N CYS A 47 3.45 -1.01 -5.09
CA CYS A 47 2.66 -1.56 -4.00
C CYS A 47 2.71 -0.62 -2.82
N VAL A 48 1.55 -0.17 -2.36
CA VAL A 48 1.50 0.75 -1.22
C VAL A 48 0.40 0.34 -0.24
N CYS A 49 0.62 0.71 1.02
CA CYS A 49 -0.35 0.39 2.09
C CYS A 49 -1.26 1.59 2.30
N PHE A 50 -2.40 1.39 2.99
CA PHE A 50 -3.34 2.50 3.21
C PHE A 50 -3.76 2.59 4.70
N PRO A 51 -3.81 3.77 5.26
CA PRO A 51 -4.20 3.95 6.68
C PRO A 51 -5.68 3.66 6.91
N LYS A 52 -6.02 3.31 8.15
CA LYS A 52 -7.41 3.02 8.51
C LYS A 52 -8.24 4.29 8.43
N TYR A 53 -7.56 5.43 8.47
CA TYR A 53 -8.22 6.73 8.40
C TYR A 53 -7.93 7.41 7.06
N TYR A 54 -7.94 6.62 5.99
CA TYR A 54 -7.68 7.14 4.67
C TYR A 54 -8.88 7.95 4.18
N ILE A 55 -8.63 9.19 3.77
CA ILE A 55 -9.68 10.06 3.28
C ILE A 55 -9.10 11.08 2.30
N LYS A 1 1.13 0.39 18.69
CA LYS A 1 2.00 1.39 18.02
C LYS A 1 1.54 2.80 18.40
N ASP A 2 2.38 3.52 19.14
CA ASP A 2 2.04 4.87 19.56
C ASP A 2 1.99 5.82 18.36
N ILE A 3 2.44 5.32 17.21
CA ILE A 3 2.44 6.13 15.99
C ILE A 3 1.06 6.13 15.35
N ASP A 4 0.57 7.31 15.02
CA ASP A 4 -0.74 7.45 14.41
C ASP A 4 -0.77 6.74 13.06
N GLY A 5 0.30 6.90 12.28
CA GLY A 5 0.39 6.27 10.97
C GLY A 5 -0.93 6.38 10.23
N ARG A 6 -1.09 7.48 9.52
CA ARG A 6 -2.32 7.73 8.76
C ARG A 6 -1.99 8.13 7.32
N LYS A 7 -0.83 7.70 6.83
CA LYS A 7 -0.40 8.03 5.45
C LYS A 7 -0.02 6.77 4.66
N PRO A 8 -0.13 6.79 3.34
CA PRO A 8 0.24 5.59 2.50
C PRO A 8 1.70 5.18 2.72
N LEU A 9 1.97 3.87 2.66
CA LEU A 9 3.33 3.36 2.85
C LEU A 9 3.71 2.43 1.70
N LEU A 10 4.77 2.78 0.96
CA LEU A 10 5.22 1.96 -0.16
C LEU A 10 6.22 0.93 0.36
N ILE A 11 5.96 -0.35 0.06
CA ILE A 11 6.83 -1.44 0.54
C ILE A 11 7.69 -1.97 -0.60
N GLY A 12 7.06 -2.25 -1.73
CA GLY A 12 7.77 -2.78 -2.88
C GLY A 12 6.98 -2.54 -4.16
N THR A 13 7.06 -3.51 -5.07
CA THR A 13 6.36 -3.44 -6.35
C THR A 13 5.77 -4.79 -6.72
N CYS A 14 4.80 -4.76 -7.63
CA CYS A 14 4.15 -6.00 -8.07
C CYS A 14 5.18 -6.94 -8.68
N ILE A 15 6.44 -6.50 -8.74
CA ILE A 15 7.49 -7.32 -9.31
C ILE A 15 7.91 -8.38 -8.30
N GLU A 16 7.66 -8.09 -7.03
CA GLU A 16 8.02 -9.00 -5.95
C GLU A 16 6.88 -9.16 -4.96
N PHE A 17 6.12 -8.09 -4.74
CA PHE A 17 4.98 -8.12 -3.81
C PHE A 17 3.66 -8.11 -4.60
N PRO A 18 3.15 -9.27 -4.98
CA PRO A 18 1.88 -9.35 -5.78
C PRO A 18 0.68 -8.79 -5.02
N THR A 19 -0.49 -8.94 -5.61
CA THR A 19 -1.71 -8.43 -4.98
C THR A 19 -1.91 -9.05 -3.59
N GLU A 20 -1.81 -10.36 -3.51
CA GLU A 20 -1.98 -11.06 -2.24
C GLU A 20 -0.97 -10.59 -1.20
N LYS A 21 0.31 -10.69 -1.52
CA LYS A 21 1.37 -10.32 -0.57
C LYS A 21 1.32 -8.82 -0.27
N CYS A 22 1.21 -8.02 -1.32
CA CYS A 22 1.16 -6.58 -1.20
C CYS A 22 0.22 -6.13 -0.09
N ASN A 23 -1.07 -6.44 -0.24
CA ASN A 23 -2.06 -6.05 0.74
C ASN A 23 -1.76 -6.74 2.07
N LYS A 24 -1.56 -8.05 2.02
CA LYS A 24 -1.27 -8.81 3.22
C LYS A 24 -0.25 -8.09 4.07
N THR A 25 0.76 -7.55 3.42
CA THR A 25 1.79 -6.84 4.16
C THR A 25 1.18 -5.62 4.87
N CYS A 26 0.33 -4.90 4.15
CA CYS A 26 -0.31 -3.71 4.72
C CYS A 26 -1.26 -4.13 5.84
N ILE A 27 -1.85 -5.30 5.68
CA ILE A 27 -2.79 -5.83 6.63
C ILE A 27 -2.10 -6.13 7.94
N GLU A 28 -0.90 -6.70 7.83
CA GLU A 28 -0.12 -7.06 8.99
C GLU A 28 0.29 -5.80 9.75
N SER A 29 0.54 -4.73 9.01
CA SER A 29 0.96 -3.47 9.61
C SER A 29 -0.19 -2.88 10.43
N ASN A 30 -1.29 -3.62 10.49
CA ASN A 30 -2.48 -3.19 11.23
C ASN A 30 -3.25 -2.14 10.44
N PHE A 31 -2.96 -2.03 9.14
CA PHE A 31 -3.64 -1.06 8.30
C PHE A 31 -4.82 -1.72 7.56
N ALA A 32 -5.37 -1.00 6.59
CA ALA A 32 -6.52 -1.51 5.83
C ALA A 32 -6.09 -2.56 4.81
N GLY A 33 -5.08 -2.23 4.02
CA GLY A 33 -4.59 -3.12 2.99
C GLY A 33 -3.80 -2.34 1.96
N GLY A 34 -3.35 -3.03 0.91
CA GLY A 34 -2.57 -2.38 -0.13
C GLY A 34 -2.87 -3.00 -1.49
N LYS A 35 -2.40 -2.33 -2.54
CA LYS A 35 -2.62 -2.79 -3.90
C LYS A 35 -1.54 -2.25 -4.84
N CYS A 36 -1.63 -2.64 -6.11
CA CYS A 36 -0.68 -2.20 -7.13
C CYS A 36 -1.32 -1.11 -8.00
N VAL A 37 -0.66 0.04 -8.06
CA VAL A 37 -1.16 1.16 -8.87
C VAL A 37 -0.02 1.81 -9.64
N HIS A 38 -0.37 2.57 -10.69
CA HIS A 38 0.63 3.25 -11.52
C HIS A 38 0.57 4.75 -11.28
N ILE A 39 1.68 5.42 -11.57
CA ILE A 39 1.77 6.87 -11.39
C ILE A 39 1.76 7.58 -12.74
N GLY A 40 0.84 8.52 -12.90
CA GLY A 40 0.74 9.27 -14.15
C GLY A 40 0.92 8.34 -15.36
N GLN A 41 2.16 8.25 -15.86
CA GLN A 41 2.46 7.40 -17.01
C GLN A 41 3.79 6.68 -16.80
N SER A 42 4.08 6.31 -15.56
CA SER A 42 5.33 5.62 -15.23
C SER A 42 5.17 4.11 -15.40
N LEU A 43 4.00 3.70 -15.87
CA LEU A 43 3.70 2.28 -16.08
C LEU A 43 4.39 1.39 -15.05
N ASP A 44 4.62 1.96 -13.86
CA ASP A 44 5.28 1.24 -12.77
C ASP A 44 4.26 0.89 -11.68
N PHE A 45 4.10 -0.40 -11.40
CA PHE A 45 3.17 -0.84 -10.38
C PHE A 45 3.86 -0.89 -9.04
N VAL A 46 3.39 -0.07 -8.10
CA VAL A 46 3.96 0.01 -6.76
C VAL A 46 2.96 -0.47 -5.73
N CYS A 47 3.46 -1.17 -4.71
CA CYS A 47 2.61 -1.68 -3.65
C CYS A 47 2.57 -0.69 -2.51
N VAL A 48 1.38 -0.17 -2.19
CA VAL A 48 1.24 0.80 -1.11
C VAL A 48 0.18 0.33 -0.12
N CYS A 49 0.33 0.76 1.14
CA CYS A 49 -0.62 0.38 2.19
C CYS A 49 -1.65 1.50 2.34
N PHE A 50 -2.77 1.20 3.00
CA PHE A 50 -3.84 2.20 3.19
C PHE A 50 -4.27 2.26 4.66
N PRO A 51 -4.24 3.43 5.27
CA PRO A 51 -4.65 3.58 6.70
C PRO A 51 -6.17 3.50 6.87
N LYS A 52 -6.59 3.20 8.09
CA LYS A 52 -8.02 3.08 8.41
C LYS A 52 -8.73 4.40 8.20
N TYR A 53 -7.99 5.50 8.34
CA TYR A 53 -8.56 6.85 8.18
C TYR A 53 -8.06 7.48 6.88
N TYR A 54 -8.02 6.67 5.82
CA TYR A 54 -7.57 7.17 4.52
C TYR A 54 -8.55 8.20 3.98
N ILE A 55 -8.01 9.31 3.48
CA ILE A 55 -8.84 10.37 2.94
C ILE A 55 -8.08 11.12 1.84
N LYS A 1 4.23 4.92 22.36
CA LYS A 1 4.01 5.33 20.95
C LYS A 1 2.87 6.35 20.88
N ASP A 2 1.65 5.86 21.03
CA ASP A 2 0.48 6.73 20.99
C ASP A 2 0.43 7.50 19.66
N ILE A 3 0.86 6.85 18.59
CA ILE A 3 0.86 7.46 17.26
C ILE A 3 -0.38 7.03 16.48
N ASP A 4 -1.11 8.01 15.96
CA ASP A 4 -2.31 7.72 15.18
C ASP A 4 -1.97 6.92 13.93
N GLY A 5 -0.86 7.28 13.29
CA GLY A 5 -0.44 6.59 12.08
C GLY A 5 -1.55 6.56 11.06
N ARG A 6 -1.59 7.59 10.23
CA ARG A 6 -2.61 7.71 9.20
C ARG A 6 -1.96 7.99 7.84
N LYS A 7 -0.70 7.60 7.71
CA LYS A 7 0.04 7.81 6.44
C LYS A 7 0.27 6.48 5.72
N PRO A 8 0.23 6.46 4.40
CA PRO A 8 0.47 5.21 3.61
C PRO A 8 1.93 4.77 3.66
N LEU A 9 2.18 3.50 3.33
CA LEU A 9 3.55 2.96 3.35
C LEU A 9 3.83 2.13 2.10
N LEU A 10 4.83 2.56 1.32
CA LEU A 10 5.22 1.82 0.11
C LEU A 10 6.27 0.78 0.46
N ILE A 11 6.08 -0.44 -0.04
CA ILE A 11 7.01 -1.53 0.25
C ILE A 11 7.81 -1.89 -0.99
N GLY A 12 7.12 -2.01 -2.11
CA GLY A 12 7.78 -2.35 -3.36
C GLY A 12 6.78 -2.45 -4.50
N THR A 13 7.20 -3.14 -5.55
CA THR A 13 6.35 -3.33 -6.73
C THR A 13 5.73 -4.71 -6.70
N CYS A 14 4.71 -4.89 -7.53
CA CYS A 14 4.03 -6.18 -7.60
C CYS A 14 5.02 -7.28 -8.00
N ILE A 15 6.21 -6.88 -8.44
CA ILE A 15 7.20 -7.85 -8.86
C ILE A 15 7.73 -8.60 -7.65
N GLU A 16 8.01 -7.85 -6.59
CA GLU A 16 8.54 -8.42 -5.36
C GLU A 16 7.42 -8.65 -4.34
N PHE A 17 6.40 -7.80 -4.38
CA PHE A 17 5.25 -7.92 -3.46
C PHE A 17 3.96 -8.10 -4.27
N PRO A 18 3.69 -9.30 -4.73
CA PRO A 18 2.46 -9.61 -5.53
C PRO A 18 1.21 -9.01 -4.90
N THR A 19 0.06 -9.24 -5.50
CA THR A 19 -1.19 -8.70 -4.98
C THR A 19 -1.46 -9.18 -3.57
N GLU A 20 -1.45 -10.49 -3.42
CA GLU A 20 -1.69 -11.12 -2.13
C GLU A 20 -0.72 -10.61 -1.07
N LYS A 21 0.58 -10.66 -1.39
CA LYS A 21 1.61 -10.21 -0.45
C LYS A 21 1.46 -8.72 -0.19
N CYS A 22 1.31 -7.97 -1.26
CA CYS A 22 1.18 -6.53 -1.17
C CYS A 22 0.20 -6.13 -0.07
N ASN A 23 -1.05 -6.53 -0.23
CA ASN A 23 -2.07 -6.18 0.74
C ASN A 23 -1.77 -6.82 2.09
N LYS A 24 -1.47 -8.11 2.07
CA LYS A 24 -1.18 -8.83 3.30
C LYS A 24 -0.17 -8.06 4.13
N THR A 25 0.81 -7.47 3.46
CA THR A 25 1.83 -6.71 4.16
C THR A 25 1.20 -5.50 4.84
N CYS A 26 0.28 -4.86 4.14
CA CYS A 26 -0.38 -3.68 4.68
C CYS A 26 -1.36 -4.09 5.79
N ILE A 27 -2.01 -5.23 5.59
CA ILE A 27 -3.00 -5.74 6.54
C ILE A 27 -2.35 -6.08 7.86
N GLU A 28 -1.23 -6.80 7.78
CA GLU A 28 -0.52 -7.19 8.98
C GLU A 28 0.14 -5.98 9.63
N SER A 29 0.47 -4.99 8.81
CA SER A 29 1.13 -3.78 9.30
C SER A 29 0.19 -2.99 10.19
N ASN A 30 -1.03 -3.51 10.38
CA ASN A 30 -2.04 -2.86 11.21
C ASN A 30 -2.83 -1.84 10.40
N PHE A 31 -2.54 -1.74 9.10
CA PHE A 31 -3.22 -0.80 8.22
C PHE A 31 -4.44 -1.46 7.58
N ALA A 32 -5.00 -0.80 6.58
CA ALA A 32 -6.19 -1.31 5.90
C ALA A 32 -5.84 -2.41 4.91
N GLY A 33 -4.99 -2.05 3.94
CA GLY A 33 -4.58 -2.97 2.91
C GLY A 33 -3.71 -2.27 1.87
N GLY A 34 -3.23 -3.02 0.90
CA GLY A 34 -2.38 -2.47 -0.15
C GLY A 34 -2.80 -2.98 -1.52
N LYS A 35 -2.42 -2.22 -2.55
CA LYS A 35 -2.75 -2.59 -3.92
C LYS A 35 -1.68 -2.09 -4.89
N CYS A 36 -1.75 -2.59 -6.13
CA CYS A 36 -0.79 -2.20 -7.16
C CYS A 36 -1.45 -1.22 -8.14
N VAL A 37 -0.85 -0.05 -8.29
CA VAL A 37 -1.38 0.98 -9.19
C VAL A 37 -0.25 1.63 -9.98
N HIS A 38 -0.62 2.42 -10.99
CA HIS A 38 0.37 3.10 -11.83
C HIS A 38 0.58 4.53 -11.36
N ILE A 39 1.76 5.08 -11.63
CA ILE A 39 2.08 6.46 -11.22
C ILE A 39 2.27 7.33 -12.45
N GLY A 40 1.58 8.46 -12.47
CA GLY A 40 1.69 9.39 -13.60
C GLY A 40 1.69 8.63 -14.92
N GLN A 41 2.89 8.33 -15.43
CA GLN A 41 3.03 7.61 -16.70
C GLN A 41 4.19 6.61 -16.62
N SER A 42 4.48 6.13 -15.41
CA SER A 42 5.55 5.17 -15.21
C SER A 42 5.09 3.77 -15.58
N LEU A 43 3.80 3.63 -15.80
CA LEU A 43 3.23 2.33 -16.14
C LEU A 43 3.85 1.22 -15.27
N ASP A 44 4.24 1.57 -14.05
CA ASP A 44 4.86 0.61 -13.12
C ASP A 44 3.90 0.32 -11.97
N PHE A 45 3.86 -0.94 -11.55
CA PHE A 45 2.97 -1.34 -10.46
C PHE A 45 3.67 -1.17 -9.12
N VAL A 46 3.13 -0.28 -8.30
CA VAL A 46 3.70 0.00 -6.98
C VAL A 46 2.72 -0.43 -5.89
N CYS A 47 3.26 -1.13 -4.89
CA CYS A 47 2.44 -1.60 -3.79
C CYS A 47 2.50 -0.59 -2.65
N VAL A 48 1.35 0.02 -2.35
CA VAL A 48 1.29 1.04 -1.31
C VAL A 48 0.23 0.69 -0.28
N CYS A 49 0.56 0.92 1.00
CA CYS A 49 -0.36 0.63 2.10
C CYS A 49 -1.09 1.90 2.50
N PHE A 50 -2.26 1.75 3.14
CA PHE A 50 -3.04 2.93 3.57
C PHE A 50 -3.85 2.61 4.83
N PRO A 51 -4.12 3.60 5.64
CA PRO A 51 -4.93 3.44 6.88
C PRO A 51 -6.40 3.17 6.58
N LYS A 52 -7.14 2.72 7.59
CA LYS A 52 -8.55 2.43 7.42
C LYS A 52 -9.36 3.73 7.30
N TYR A 53 -8.77 4.82 7.78
CA TYR A 53 -9.43 6.13 7.72
C TYR A 53 -8.73 7.03 6.70
N TYR A 54 -8.36 6.45 5.57
CA TYR A 54 -7.71 7.21 4.51
C TYR A 54 -8.72 8.08 3.77
N ILE A 55 -8.76 9.36 4.12
CA ILE A 55 -9.69 10.29 3.49
C ILE A 55 -9.17 11.71 3.58
N LYS A 1 1.88 10.98 19.23
CA LYS A 1 1.36 9.79 18.49
C LYS A 1 2.14 9.61 17.20
N ASP A 2 2.61 8.38 16.96
CA ASP A 2 3.38 8.06 15.76
C ASP A 2 2.48 7.41 14.71
N ILE A 3 1.18 7.40 14.99
CA ILE A 3 0.23 6.81 14.07
C ILE A 3 0.30 7.50 12.71
N ASP A 4 0.17 6.72 11.64
CA ASP A 4 0.22 7.29 10.29
C ASP A 4 -0.94 8.24 10.07
N GLY A 5 -2.10 7.89 10.59
CA GLY A 5 -3.29 8.74 10.45
C GLY A 5 -3.93 8.56 9.09
N ARG A 6 -3.56 9.43 8.16
CA ARG A 6 -4.10 9.40 6.81
C ARG A 6 -2.96 9.36 5.79
N LYS A 7 -1.88 8.63 6.12
CA LYS A 7 -0.73 8.54 5.21
C LYS A 7 -0.46 7.09 4.79
N PRO A 8 -0.38 6.81 3.50
CA PRO A 8 -0.10 5.43 3.02
C PRO A 8 1.36 5.05 3.22
N LEU A 9 1.69 3.78 2.97
CA LEU A 9 3.06 3.30 3.13
C LEU A 9 3.48 2.47 1.92
N LEU A 10 4.52 2.91 1.23
CA LEU A 10 5.04 2.17 0.08
C LEU A 10 6.12 1.20 0.53
N ILE A 11 6.01 -0.06 0.10
CA ILE A 11 6.98 -1.08 0.47
C ILE A 11 7.88 -1.42 -0.70
N GLY A 12 7.28 -1.57 -1.88
CA GLY A 12 8.03 -1.90 -3.08
C GLY A 12 7.12 -1.94 -4.29
N THR A 13 7.28 -2.98 -5.10
CA THR A 13 6.49 -3.15 -6.32
C THR A 13 5.91 -4.55 -6.40
N CYS A 14 4.95 -4.73 -7.30
CA CYS A 14 4.32 -6.04 -7.48
C CYS A 14 5.37 -7.06 -7.92
N ILE A 15 6.59 -6.60 -8.12
CA ILE A 15 7.66 -7.48 -8.55
C ILE A 15 8.06 -8.40 -7.42
N GLU A 16 8.16 -7.83 -6.22
CA GLU A 16 8.53 -8.58 -5.04
C GLU A 16 7.35 -8.78 -4.10
N PHE A 17 6.35 -7.90 -4.22
CA PHE A 17 5.15 -7.97 -3.38
C PHE A 17 3.89 -8.04 -4.26
N PRO A 18 3.58 -9.19 -4.80
CA PRO A 18 2.38 -9.40 -5.67
C PRO A 18 1.11 -8.83 -5.02
N THR A 19 -0.02 -8.96 -5.69
CA THR A 19 -1.28 -8.42 -5.16
C THR A 19 -1.63 -9.00 -3.79
N GLU A 20 -1.59 -10.32 -3.66
CA GLU A 20 -1.92 -10.97 -2.39
C GLU A 20 -1.03 -10.45 -1.26
N LYS A 21 0.28 -10.58 -1.43
CA LYS A 21 1.23 -10.12 -0.41
C LYS A 21 1.13 -8.63 -0.20
N CYS A 22 1.07 -7.89 -1.28
CA CYS A 22 1.02 -6.45 -1.18
C CYS A 22 -0.01 -6.01 -0.15
N ASN A 23 -1.20 -6.60 -0.23
CA ASN A 23 -2.24 -6.26 0.71
C ASN A 23 -2.01 -6.96 2.04
N LYS A 24 -1.84 -8.28 2.00
CA LYS A 24 -1.65 -9.04 3.23
C LYS A 24 -0.57 -8.42 4.09
N THR A 25 0.54 -8.05 3.47
CA THR A 25 1.63 -7.45 4.23
C THR A 25 1.19 -6.11 4.80
N CYS A 26 0.41 -5.38 4.01
CA CYS A 26 -0.09 -4.10 4.46
C CYS A 26 -0.99 -4.27 5.67
N ILE A 27 -1.72 -5.37 5.71
CA ILE A 27 -2.61 -5.66 6.82
C ILE A 27 -1.82 -5.82 8.10
N GLU A 28 -0.63 -6.41 7.99
CA GLU A 28 0.19 -6.63 9.16
C GLU A 28 0.67 -5.32 9.75
N SER A 29 0.90 -4.35 8.88
CA SER A 29 1.38 -3.03 9.30
C SER A 29 0.26 -2.25 9.98
N ASN A 30 -0.92 -2.87 10.01
CA ASN A 30 -2.09 -2.26 10.62
C ASN A 30 -2.71 -1.22 9.67
N PHE A 31 -2.62 -1.49 8.37
CA PHE A 31 -3.17 -0.58 7.37
C PHE A 31 -4.39 -1.20 6.71
N ALA A 32 -5.18 -0.37 6.06
CA ALA A 32 -6.39 -0.84 5.38
C ALA A 32 -6.03 -1.69 4.15
N GLY A 33 -4.85 -2.30 4.21
CA GLY A 33 -4.37 -3.13 3.11
C GLY A 33 -3.63 -2.30 2.07
N GLY A 34 -3.25 -2.94 0.97
CA GLY A 34 -2.52 -2.24 -0.09
C GLY A 34 -2.78 -2.90 -1.44
N LYS A 35 -2.31 -2.26 -2.49
CA LYS A 35 -2.51 -2.76 -3.84
C LYS A 35 -1.43 -2.23 -4.78
N CYS A 36 -1.52 -2.62 -6.05
CA CYS A 36 -0.56 -2.17 -7.06
C CYS A 36 -1.24 -1.17 -8.00
N VAL A 37 -0.63 0.01 -8.14
CA VAL A 37 -1.16 1.06 -9.02
C VAL A 37 -0.03 1.77 -9.74
N HIS A 38 -0.40 2.67 -10.66
CA HIS A 38 0.60 3.42 -11.43
C HIS A 38 0.67 4.86 -10.94
N ILE A 39 1.85 5.47 -11.11
CA ILE A 39 2.05 6.86 -10.69
C ILE A 39 2.66 7.68 -11.83
N GLY A 40 2.01 8.78 -12.16
CA GLY A 40 2.50 9.65 -13.23
C GLY A 40 2.45 8.96 -14.58
N GLN A 41 1.61 7.95 -14.68
CA GLN A 41 1.48 7.20 -15.93
C GLN A 41 2.81 6.60 -16.34
N SER A 42 3.57 6.13 -15.36
CA SER A 42 4.88 5.55 -15.62
C SER A 42 4.75 4.09 -16.04
N LEU A 43 3.55 3.55 -15.86
CA LEU A 43 3.28 2.17 -16.21
C LEU A 43 4.03 1.23 -15.26
N ASP A 44 4.29 1.70 -14.04
CA ASP A 44 4.99 0.90 -13.04
C ASP A 44 4.03 0.52 -11.91
N PHE A 45 4.07 -0.73 -11.48
CA PHE A 45 3.20 -1.18 -10.41
C PHE A 45 3.91 -1.02 -9.07
N VAL A 46 3.36 -0.16 -8.22
CA VAL A 46 3.93 0.09 -6.89
C VAL A 46 3.00 -0.42 -5.81
N CYS A 47 3.56 -1.13 -4.84
CA CYS A 47 2.75 -1.68 -3.75
C CYS A 47 2.73 -0.71 -2.60
N VAL A 48 1.56 -0.19 -2.29
CA VAL A 48 1.42 0.77 -1.21
C VAL A 48 0.23 0.42 -0.33
N CYS A 49 0.36 0.74 0.95
CA CYS A 49 -0.71 0.47 1.90
C CYS A 49 -1.54 1.73 2.11
N PHE A 50 -2.76 1.57 2.63
CA PHE A 50 -3.64 2.72 2.86
C PHE A 50 -3.93 2.89 4.36
N PRO A 51 -4.13 4.12 4.81
CA PRO A 51 -4.43 4.40 6.24
C PRO A 51 -5.79 3.83 6.65
N LYS A 52 -5.95 3.56 7.94
CA LYS A 52 -7.20 3.01 8.46
C LYS A 52 -8.34 4.01 8.27
N TYR A 53 -7.96 5.28 8.11
CA TYR A 53 -8.94 6.36 7.93
C TYR A 53 -8.88 6.89 6.50
N TYR A 54 -8.75 5.98 5.54
CA TYR A 54 -8.68 6.36 4.13
C TYR A 54 -10.01 6.95 3.69
N ILE A 55 -9.94 8.06 2.96
CA ILE A 55 -11.15 8.73 2.49
C ILE A 55 -10.86 9.43 1.15
N LYS A 1 -11.75 8.69 11.10
CA LYS A 1 -10.60 9.39 10.47
C LYS A 1 -10.30 10.66 11.26
N ASP A 2 -10.08 11.76 10.54
CA ASP A 2 -9.77 13.03 11.18
C ASP A 2 -8.53 12.90 12.05
N ILE A 3 -7.57 12.12 11.57
CA ILE A 3 -6.32 11.88 12.30
C ILE A 3 -5.11 12.26 11.45
N ASP A 4 -3.97 12.41 12.10
CA ASP A 4 -2.74 12.78 11.41
C ASP A 4 -2.18 11.59 10.64
N GLY A 5 -2.35 10.39 11.20
CA GLY A 5 -1.86 9.18 10.55
C GLY A 5 -2.77 8.74 9.42
N ARG A 6 -2.74 9.49 8.34
CA ARG A 6 -3.58 9.20 7.18
C ARG A 6 -2.76 9.24 5.90
N LYS A 7 -1.48 8.89 6.01
CA LYS A 7 -0.60 8.89 4.85
C LYS A 7 -0.34 7.45 4.37
N PRO A 8 -0.18 7.26 3.09
CA PRO A 8 0.10 5.91 2.50
C PRO A 8 1.48 5.40 2.88
N LEU A 9 1.71 4.10 2.64
CA LEU A 9 3.00 3.50 2.98
C LEU A 9 3.46 2.58 1.85
N LEU A 10 4.58 2.93 1.25
CA LEU A 10 5.14 2.12 0.17
C LEU A 10 6.13 1.11 0.74
N ILE A 11 5.99 -0.15 0.33
CA ILE A 11 6.86 -1.21 0.83
C ILE A 11 7.90 -1.60 -0.23
N GLY A 12 7.49 -1.61 -1.49
CA GLY A 12 8.39 -1.95 -2.58
C GLY A 12 7.70 -1.81 -3.92
N THR A 13 7.74 -2.87 -4.73
CA THR A 13 7.12 -2.86 -6.05
C THR A 13 6.20 -4.06 -6.22
N CYS A 14 5.21 -3.91 -7.08
CA CYS A 14 4.26 -5.00 -7.31
C CYS A 14 4.96 -6.18 -7.97
N ILE A 15 6.29 -6.10 -8.10
CA ILE A 15 7.05 -7.17 -8.71
C ILE A 15 7.42 -8.22 -7.67
N GLU A 16 7.79 -7.76 -6.48
CA GLU A 16 8.15 -8.66 -5.39
C GLU A 16 7.03 -8.78 -4.38
N PHE A 17 5.96 -8.00 -4.57
CA PHE A 17 4.81 -8.03 -3.68
C PHE A 17 3.52 -8.32 -4.47
N PRO A 18 3.28 -9.57 -4.77
CA PRO A 18 2.06 -10.01 -5.53
C PRO A 18 0.79 -9.39 -4.93
N THR A 19 -0.32 -9.50 -5.65
CA THR A 19 -1.57 -8.93 -5.18
C THR A 19 -1.87 -9.33 -3.73
N GLU A 20 -1.84 -10.62 -3.47
CA GLU A 20 -2.11 -11.14 -2.12
C GLU A 20 -1.07 -10.62 -1.12
N LYS A 21 0.20 -10.89 -1.40
CA LYS A 21 1.26 -10.47 -0.49
C LYS A 21 1.21 -8.97 -0.25
N CYS A 22 1.05 -8.23 -1.32
CA CYS A 22 1.01 -6.79 -1.22
C CYS A 22 0.08 -6.35 -0.10
N ASN A 23 -1.21 -6.62 -0.26
CA ASN A 23 -2.20 -6.26 0.74
C ASN A 23 -1.90 -6.96 2.05
N LYS A 24 -1.81 -8.28 2.01
CA LYS A 24 -1.54 -9.04 3.22
C LYS A 24 -0.44 -8.38 4.04
N THR A 25 0.60 -7.97 3.36
CA THR A 25 1.73 -7.34 4.03
C THR A 25 1.27 -6.03 4.66
N CYS A 26 0.43 -5.30 3.95
CA CYS A 26 -0.07 -4.03 4.44
C CYS A 26 -0.97 -4.23 5.65
N ILE A 27 -1.68 -5.35 5.68
CA ILE A 27 -2.59 -5.66 6.77
C ILE A 27 -1.82 -5.80 8.08
N GLU A 28 -0.70 -6.50 8.00
CA GLU A 28 0.10 -6.73 9.19
C GLU A 28 0.67 -5.41 9.70
N SER A 29 1.01 -4.52 8.78
CA SER A 29 1.58 -3.23 9.15
C SER A 29 0.54 -2.38 9.87
N ASN A 30 -0.68 -2.91 9.98
CA ASN A 30 -1.77 -2.20 10.66
C ASN A 30 -2.40 -1.17 9.72
N PHE A 31 -2.49 -1.51 8.44
CA PHE A 31 -3.08 -0.61 7.44
C PHE A 31 -4.29 -1.25 6.80
N ALA A 32 -5.13 -0.43 6.19
CA ALA A 32 -6.34 -0.92 5.54
C ALA A 32 -5.98 -1.73 4.29
N GLY A 33 -4.80 -2.34 4.31
CA GLY A 33 -4.35 -3.15 3.20
C GLY A 33 -3.64 -2.30 2.15
N GLY A 34 -3.31 -2.89 1.01
CA GLY A 34 -2.62 -2.18 -0.05
C GLY A 34 -2.89 -2.82 -1.40
N LYS A 35 -2.41 -2.18 -2.45
CA LYS A 35 -2.62 -2.68 -3.81
C LYS A 35 -1.53 -2.17 -4.75
N CYS A 36 -1.63 -2.54 -6.02
CA CYS A 36 -0.66 -2.11 -7.02
C CYS A 36 -1.27 -1.04 -7.91
N VAL A 37 -0.56 0.09 -8.04
CA VAL A 37 -1.02 1.19 -8.86
C VAL A 37 0.13 1.74 -9.71
N HIS A 38 -0.22 2.47 -10.76
CA HIS A 38 0.79 3.05 -11.66
C HIS A 38 0.85 4.56 -11.48
N ILE A 39 1.99 5.13 -11.85
CA ILE A 39 2.18 6.58 -11.73
C ILE A 39 2.07 7.25 -13.08
N GLY A 40 1.14 8.20 -13.20
CA GLY A 40 0.93 8.91 -14.44
C GLY A 40 1.02 7.97 -15.63
N GLN A 41 2.19 7.92 -16.25
CA GLN A 41 2.41 7.06 -17.42
C GLN A 41 3.79 6.39 -17.35
N SER A 42 4.27 6.16 -16.12
CA SER A 42 5.57 5.53 -15.93
C SER A 42 5.48 4.02 -16.10
N LEU A 43 4.26 3.54 -16.25
CA LEU A 43 4.02 2.12 -16.40
C LEU A 43 4.74 1.33 -15.32
N ASP A 44 4.93 1.95 -14.17
CA ASP A 44 5.60 1.30 -13.05
C ASP A 44 4.60 1.00 -11.95
N PHE A 45 4.46 -0.28 -11.59
CA PHE A 45 3.52 -0.69 -10.55
C PHE A 45 4.22 -0.65 -9.20
N VAL A 46 3.58 0.03 -8.23
CA VAL A 46 4.13 0.16 -6.88
C VAL A 46 3.14 -0.35 -5.85
N CYS A 47 3.65 -1.01 -4.82
CA CYS A 47 2.81 -1.55 -3.75
C CYS A 47 2.74 -0.55 -2.61
N VAL A 48 1.52 -0.10 -2.31
CA VAL A 48 1.32 0.87 -1.24
C VAL A 48 0.16 0.47 -0.35
N CYS A 49 0.25 0.84 0.92
CA CYS A 49 -0.80 0.51 1.86
C CYS A 49 -1.71 1.71 2.05
N PHE A 50 -2.76 1.55 2.86
CA PHE A 50 -3.70 2.65 3.11
C PHE A 50 -4.06 2.73 4.60
N PRO A 51 -3.81 3.85 5.24
CA PRO A 51 -4.12 4.03 6.70
C PRO A 51 -5.63 4.03 6.96
N LYS A 52 -6.02 3.52 8.12
CA LYS A 52 -7.43 3.46 8.50
C LYS A 52 -7.64 4.27 9.78
N TYR A 53 -6.92 3.89 10.83
CA TYR A 53 -7.03 4.59 12.13
C TYR A 53 -5.65 4.92 12.68
N TYR A 54 -4.65 4.92 11.80
CA TYR A 54 -3.29 5.20 12.23
C TYR A 54 -3.18 6.63 12.74
N ILE A 55 -2.40 6.82 13.80
CA ILE A 55 -2.22 8.15 14.38
C ILE A 55 -0.77 8.34 14.83
N LYS A 1 5.38 5.49 20.00
CA LYS A 1 5.22 5.84 18.56
C LYS A 1 4.55 7.20 18.44
N ASP A 2 3.40 7.36 19.11
CA ASP A 2 2.67 8.62 19.08
C ASP A 2 2.33 9.01 17.65
N ILE A 3 2.06 8.02 16.81
CA ILE A 3 1.71 8.27 15.41
C ILE A 3 0.25 7.91 15.14
N ASP A 4 -0.45 8.83 14.51
CA ASP A 4 -1.86 8.63 14.19
C ASP A 4 -2.02 7.47 13.22
N GLY A 5 -1.07 7.34 12.29
CA GLY A 5 -1.12 6.27 11.31
C GLY A 5 -2.27 6.48 10.34
N ARG A 6 -2.23 7.60 9.62
CA ARG A 6 -3.27 7.92 8.66
C ARG A 6 -2.66 8.22 7.30
N LYS A 7 -1.52 7.60 7.00
CA LYS A 7 -0.85 7.83 5.72
C LYS A 7 -0.46 6.50 5.07
N PRO A 8 -0.50 6.43 3.76
CA PRO A 8 -0.12 5.20 3.01
C PRO A 8 1.35 4.86 3.18
N LEU A 9 1.67 3.56 3.13
CA LEU A 9 3.05 3.13 3.27
C LEU A 9 3.47 2.26 2.10
N LEU A 10 4.52 2.68 1.42
CA LEU A 10 5.05 1.93 0.29
C LEU A 10 6.03 0.87 0.77
N ILE A 11 6.07 -0.25 0.05
CA ILE A 11 6.95 -1.36 0.41
C ILE A 11 7.83 -1.77 -0.77
N GLY A 12 7.19 -2.15 -1.86
CA GLY A 12 7.92 -2.57 -3.05
C GLY A 12 7.03 -2.50 -4.28
N THR A 13 7.16 -3.49 -5.15
CA THR A 13 6.38 -3.55 -6.39
C THR A 13 5.75 -4.92 -6.57
N CYS A 14 4.72 -4.98 -7.39
CA CYS A 14 4.03 -6.24 -7.64
C CYS A 14 5.04 -7.31 -8.06
N ILE A 15 6.27 -6.89 -8.35
CA ILE A 15 7.31 -7.82 -8.76
C ILE A 15 7.76 -8.67 -7.58
N GLU A 16 7.93 -8.01 -6.44
CA GLU A 16 8.37 -8.68 -5.23
C GLU A 16 7.20 -8.91 -4.27
N PHE A 17 6.23 -8.00 -4.31
CA PHE A 17 5.05 -8.10 -3.45
C PHE A 17 3.78 -8.16 -4.31
N PRO A 18 3.44 -9.33 -4.80
CA PRO A 18 2.23 -9.54 -5.64
C PRO A 18 0.98 -8.88 -5.02
N THR A 19 -0.15 -9.02 -5.69
CA THR A 19 -1.39 -8.43 -5.19
C THR A 19 -1.73 -8.93 -3.79
N GLU A 20 -1.74 -10.24 -3.63
CA GLU A 20 -2.05 -10.85 -2.34
C GLU A 20 -1.06 -10.40 -1.28
N LYS A 21 0.22 -10.63 -1.53
CA LYS A 21 1.25 -10.27 -0.57
C LYS A 21 1.23 -8.77 -0.29
N CYS A 22 1.09 -8.00 -1.35
CA CYS A 22 1.07 -6.55 -1.22
C CYS A 22 0.11 -6.12 -0.12
N ASN A 23 -1.16 -6.46 -0.28
CA ASN A 23 -2.16 -6.10 0.71
C ASN A 23 -1.86 -6.76 2.04
N LYS A 24 -1.66 -8.06 2.02
CA LYS A 24 -1.37 -8.78 3.25
C LYS A 24 -0.30 -8.05 4.05
N THR A 25 0.70 -7.55 3.37
CA THR A 25 1.76 -6.85 4.04
C THR A 25 1.21 -5.61 4.74
N CYS A 26 0.35 -4.89 4.03
CA CYS A 26 -0.24 -3.68 4.60
C CYS A 26 -1.12 -4.06 5.79
N ILE A 27 -1.73 -5.24 5.70
CA ILE A 27 -2.61 -5.71 6.75
C ILE A 27 -1.81 -6.02 8.01
N GLU A 28 -0.58 -6.46 7.80
CA GLU A 28 0.29 -6.80 8.91
C GLU A 28 0.66 -5.56 9.71
N SER A 29 0.82 -4.45 9.00
CA SER A 29 1.19 -3.19 9.62
C SER A 29 0.03 -2.66 10.43
N ASN A 30 -1.05 -3.43 10.44
CA ASN A 30 -2.26 -3.05 11.18
C ASN A 30 -3.05 -2.00 10.41
N PHE A 31 -2.90 -1.97 9.08
CA PHE A 31 -3.61 -1.01 8.25
C PHE A 31 -4.79 -1.68 7.55
N ALA A 32 -5.37 -0.97 6.60
CA ALA A 32 -6.50 -1.49 5.85
C ALA A 32 -6.08 -2.52 4.82
N GLY A 33 -5.07 -2.17 4.03
CA GLY A 33 -4.57 -3.06 2.99
C GLY A 33 -3.77 -2.29 1.94
N GLY A 34 -3.35 -2.97 0.89
CA GLY A 34 -2.57 -2.32 -0.16
C GLY A 34 -2.84 -2.96 -1.51
N LYS A 35 -2.34 -2.32 -2.56
CA LYS A 35 -2.54 -2.84 -3.92
C LYS A 35 -1.49 -2.29 -4.86
N CYS A 36 -1.57 -2.69 -6.12
CA CYS A 36 -0.63 -2.23 -7.13
C CYS A 36 -1.29 -1.19 -8.04
N VAL A 37 -0.64 -0.04 -8.19
CA VAL A 37 -1.16 1.03 -9.04
C VAL A 37 -0.03 1.65 -9.86
N HIS A 38 -0.41 2.41 -10.89
CA HIS A 38 0.57 3.07 -11.75
C HIS A 38 0.65 4.55 -11.43
N ILE A 39 1.79 5.16 -11.75
CA ILE A 39 2.00 6.58 -11.49
C ILE A 39 2.55 7.27 -12.72
N GLY A 40 1.90 8.37 -13.11
CA GLY A 40 2.34 9.14 -14.27
C GLY A 40 2.30 8.29 -15.54
N GLN A 41 1.48 7.25 -15.50
CA GLN A 41 1.36 6.36 -16.65
C GLN A 41 2.72 5.78 -17.03
N SER A 42 3.58 5.62 -16.02
CA SER A 42 4.92 5.07 -16.26
C SER A 42 4.87 3.57 -16.42
N LEU A 43 3.70 3.00 -16.18
CA LEU A 43 3.51 1.57 -16.29
C LEU A 43 4.26 0.84 -15.17
N ASP A 44 4.45 1.52 -14.05
CA ASP A 44 5.15 0.93 -12.93
C ASP A 44 4.17 0.60 -11.81
N PHE A 45 4.06 -0.69 -11.47
CA PHE A 45 3.15 -1.11 -10.42
C PHE A 45 3.86 -1.12 -9.08
N VAL A 46 3.41 -0.25 -8.18
CA VAL A 46 3.99 -0.13 -6.85
C VAL A 46 3.00 -0.58 -5.79
N CYS A 47 3.51 -1.24 -4.76
CA CYS A 47 2.68 -1.74 -3.68
C CYS A 47 2.64 -0.73 -2.55
N VAL A 48 1.45 -0.22 -2.24
CA VAL A 48 1.29 0.77 -1.19
C VAL A 48 0.20 0.35 -0.22
N CYS A 49 0.34 0.78 1.04
CA CYS A 49 -0.64 0.43 2.07
C CYS A 49 -1.64 1.56 2.21
N PHE A 50 -2.76 1.29 2.87
CA PHE A 50 -3.81 2.30 3.05
C PHE A 50 -4.27 2.35 4.50
N PRO A 51 -4.36 3.54 5.09
CA PRO A 51 -4.82 3.69 6.49
C PRO A 51 -6.32 3.43 6.65
N LYS A 52 -6.73 3.06 7.85
CA LYS A 52 -8.13 2.78 8.13
C LYS A 52 -8.97 4.05 7.97
N TYR A 53 -8.34 5.21 8.17
CA TYR A 53 -9.03 6.49 8.06
C TYR A 53 -8.58 7.24 6.80
N TYR A 54 -8.45 6.50 5.69
CA TYR A 54 -8.04 7.09 4.43
C TYR A 54 -9.13 8.00 3.90
N ILE A 55 -8.74 9.21 3.51
CA ILE A 55 -9.69 10.19 2.97
C ILE A 55 -8.99 11.09 1.94
N LYS A 1 0.97 5.56 22.05
CA LYS A 1 1.85 5.59 20.85
C LYS A 1 1.57 6.86 20.06
N ASP A 2 2.56 7.75 20.03
CA ASP A 2 2.42 9.01 19.29
C ASP A 2 2.39 8.76 17.79
N ILE A 3 2.66 7.51 17.41
CA ILE A 3 2.67 7.16 15.99
C ILE A 3 1.24 6.97 15.48
N ASP A 4 0.70 8.02 14.87
CA ASP A 4 -0.66 7.97 14.34
C ASP A 4 -0.77 6.93 13.24
N GLY A 5 0.23 6.90 12.36
CA GLY A 5 0.24 5.94 11.26
C GLY A 5 -1.05 5.99 10.48
N ARG A 6 -1.22 7.07 9.74
CA ARG A 6 -2.42 7.26 8.94
C ARG A 6 -2.06 7.67 7.51
N LYS A 7 -0.84 7.32 7.09
CA LYS A 7 -0.38 7.68 5.73
C LYS A 7 -0.04 6.43 4.92
N PRO A 8 -0.12 6.47 3.59
CA PRO A 8 0.22 5.29 2.74
C PRO A 8 1.66 4.82 2.98
N LEU A 9 1.88 3.51 2.91
CA LEU A 9 3.22 2.94 3.12
C LEU A 9 3.64 2.12 1.89
N LEU A 10 4.71 2.55 1.22
CA LEU A 10 5.21 1.83 0.04
C LEU A 10 6.33 0.88 0.47
N ILE A 11 6.21 -0.40 0.10
CA ILE A 11 7.21 -1.41 0.47
C ILE A 11 8.11 -1.74 -0.73
N GLY A 12 7.49 -2.06 -1.86
CA GLY A 12 8.23 -2.40 -3.06
C GLY A 12 7.37 -2.26 -4.29
N THR A 13 7.47 -3.24 -5.19
CA THR A 13 6.70 -3.22 -6.43
C THR A 13 6.03 -4.58 -6.65
N CYS A 14 5.15 -4.64 -7.64
CA CYS A 14 4.43 -5.86 -7.96
C CYS A 14 5.39 -6.92 -8.49
N ILE A 15 6.66 -6.55 -8.62
CA ILE A 15 7.64 -7.49 -9.13
C ILE A 15 8.06 -8.46 -8.03
N GLU A 16 7.83 -8.07 -6.78
CA GLU A 16 8.16 -8.91 -5.64
C GLU A 16 6.99 -9.00 -4.66
N PHE A 17 6.16 -7.95 -4.63
CA PHE A 17 4.99 -7.91 -3.75
C PHE A 17 3.70 -7.84 -4.58
N PRO A 18 3.23 -8.97 -5.08
CA PRO A 18 1.99 -9.02 -5.91
C PRO A 18 0.77 -8.49 -5.16
N THR A 19 -0.40 -8.55 -5.79
CA THR A 19 -1.61 -8.06 -5.16
C THR A 19 -1.88 -8.76 -3.84
N GLU A 20 -1.84 -10.09 -3.87
CA GLU A 20 -2.08 -10.88 -2.66
C GLU A 20 -1.17 -10.49 -1.51
N LYS A 21 0.14 -10.60 -1.73
CA LYS A 21 1.12 -10.26 -0.71
C LYS A 21 1.09 -8.79 -0.37
N CYS A 22 1.10 -7.96 -1.40
CA CYS A 22 1.13 -6.54 -1.21
C CYS A 22 0.17 -6.12 -0.11
N ASN A 23 -1.08 -6.55 -0.23
CA ASN A 23 -2.09 -6.21 0.76
C ASN A 23 -1.75 -6.82 2.10
N LYS A 24 -1.35 -8.09 2.11
CA LYS A 24 -1.02 -8.75 3.35
C LYS A 24 -0.05 -7.91 4.15
N THR A 25 0.91 -7.32 3.48
CA THR A 25 1.88 -6.53 4.19
C THR A 25 1.21 -5.34 4.85
N CYS A 26 0.28 -4.72 4.13
CA CYS A 26 -0.43 -3.57 4.69
C CYS A 26 -1.33 -4.03 5.84
N ILE A 27 -1.87 -5.22 5.70
CA ILE A 27 -2.76 -5.77 6.72
C ILE A 27 -2.01 -6.01 8.01
N GLU A 28 -0.81 -6.53 7.86
CA GLU A 28 0.01 -6.83 9.02
C GLU A 28 0.37 -5.56 9.77
N SER A 29 0.57 -4.47 9.03
CA SER A 29 0.92 -3.20 9.63
C SER A 29 -0.26 -2.65 10.43
N ASN A 30 -1.34 -3.42 10.47
CA ASN A 30 -2.55 -3.04 11.19
C ASN A 30 -3.34 -2.02 10.38
N PHE A 31 -3.10 -1.94 9.07
CA PHE A 31 -3.80 -0.99 8.22
C PHE A 31 -4.96 -1.69 7.50
N ALA A 32 -5.52 -1.00 6.51
CA ALA A 32 -6.64 -1.54 5.76
C ALA A 32 -6.21 -2.63 4.77
N GLY A 33 -5.23 -2.29 3.95
CA GLY A 33 -4.71 -3.20 2.95
C GLY A 33 -3.88 -2.45 1.91
N GLY A 34 -3.36 -3.16 0.92
CA GLY A 34 -2.54 -2.55 -0.12
C GLY A 34 -2.84 -3.14 -1.48
N LYS A 35 -2.33 -2.48 -2.51
CA LYS A 35 -2.55 -2.93 -3.87
C LYS A 35 -1.48 -2.39 -4.81
N CYS A 36 -1.56 -2.77 -6.07
CA CYS A 36 -0.61 -2.32 -7.09
C CYS A 36 -1.27 -1.28 -7.99
N VAL A 37 -0.70 -0.07 -8.01
CA VAL A 37 -1.23 1.02 -8.83
C VAL A 37 -0.10 1.67 -9.63
N HIS A 38 -0.48 2.40 -10.68
CA HIS A 38 0.50 3.08 -11.53
C HIS A 38 0.46 4.58 -11.28
N ILE A 39 1.56 5.24 -11.60
CA ILE A 39 1.66 6.69 -11.40
C ILE A 39 1.59 7.40 -12.75
N GLY A 40 0.64 8.33 -12.86
CA GLY A 40 0.47 9.09 -14.10
C GLY A 40 0.56 8.16 -15.31
N GLN A 41 1.76 8.01 -15.83
CA GLN A 41 1.96 7.16 -17.00
C GLN A 41 3.36 6.52 -16.97
N SER A 42 3.80 6.15 -15.77
CA SER A 42 5.11 5.52 -15.60
C SER A 42 5.02 4.02 -15.77
N LEU A 43 3.80 3.55 -15.98
CA LEU A 43 3.56 2.13 -16.17
C LEU A 43 4.31 1.31 -15.12
N ASP A 44 4.52 1.91 -13.96
CA ASP A 44 5.22 1.24 -12.86
C ASP A 44 4.23 0.90 -11.74
N PHE A 45 4.10 -0.39 -11.45
CA PHE A 45 3.18 -0.84 -10.41
C PHE A 45 3.89 -0.85 -9.06
N VAL A 46 3.38 -0.04 -8.14
CA VAL A 46 3.97 0.07 -6.80
C VAL A 46 2.99 -0.44 -5.76
N CYS A 47 3.53 -1.10 -4.75
CA CYS A 47 2.71 -1.65 -3.67
C CYS A 47 2.64 -0.66 -2.53
N VAL A 48 1.43 -0.17 -2.23
CA VAL A 48 1.26 0.80 -1.15
C VAL A 48 0.16 0.34 -0.19
N CYS A 49 0.26 0.77 1.06
CA CYS A 49 -0.73 0.40 2.08
C CYS A 49 -1.75 1.52 2.21
N PHE A 50 -2.89 1.24 2.84
CA PHE A 50 -3.95 2.26 2.99
C PHE A 50 -4.43 2.32 4.43
N PRO A 51 -4.62 3.50 4.99
CA PRO A 51 -5.11 3.65 6.39
C PRO A 51 -6.55 3.17 6.56
N LYS A 52 -6.92 2.83 7.81
CA LYS A 52 -8.26 2.34 8.09
C LYS A 52 -9.31 3.29 7.52
N TYR A 53 -9.56 4.40 8.22
CA TYR A 53 -10.55 5.38 7.78
C TYR A 53 -9.97 6.79 7.82
N TYR A 54 -8.69 6.93 7.43
CA TYR A 54 -8.02 8.23 7.43
C TYR A 54 -7.80 8.71 6.00
N ILE A 55 -8.25 9.94 5.72
CA ILE A 55 -8.11 10.51 4.38
C ILE A 55 -7.70 11.98 4.48
N LYS A 1 -1.60 3.94 21.44
CA LYS A 1 -0.47 3.94 20.49
C LYS A 1 -0.34 5.33 19.85
N ASP A 2 0.82 5.94 20.00
CA ASP A 2 1.06 7.26 19.43
C ASP A 2 0.99 7.19 17.91
N ILE A 3 1.41 6.06 17.37
CA ILE A 3 1.40 5.87 15.93
C ILE A 3 0.01 6.17 15.35
N ASP A 4 -0.16 7.35 14.80
CA ASP A 4 -1.44 7.75 14.22
C ASP A 4 -1.78 6.85 13.04
N GLY A 5 -0.78 6.52 12.23
CA GLY A 5 -0.99 5.65 11.08
C GLY A 5 -2.07 6.22 10.18
N ARG A 6 -1.75 7.34 9.53
CA ARG A 6 -2.70 8.00 8.64
C ARG A 6 -2.06 8.30 7.30
N LYS A 7 -0.96 7.61 6.99
CA LYS A 7 -0.25 7.83 5.73
C LYS A 7 0.08 6.49 5.05
N PRO A 8 0.09 6.44 3.74
CA PRO A 8 0.41 5.20 2.98
C PRO A 8 1.88 4.79 3.15
N LEU A 9 2.19 3.55 2.79
CA LEU A 9 3.56 3.04 2.90
C LEU A 9 3.92 2.21 1.68
N LEU A 10 4.93 2.65 0.93
CA LEU A 10 5.38 1.94 -0.26
C LEU A 10 6.52 0.99 0.15
N ILE A 11 6.42 -0.27 -0.27
CA ILE A 11 7.45 -1.26 0.08
C ILE A 11 8.30 -1.60 -1.13
N GLY A 12 7.64 -1.91 -2.24
CA GLY A 12 8.34 -2.24 -3.46
C GLY A 12 7.40 -2.15 -4.65
N THR A 13 7.82 -2.76 -5.76
CA THR A 13 7.02 -2.75 -6.97
C THR A 13 5.97 -3.86 -6.92
N CYS A 14 4.97 -3.74 -7.77
CA CYS A 14 3.92 -4.75 -7.83
C CYS A 14 4.45 -6.04 -8.43
N ILE A 15 5.75 -6.05 -8.74
CA ILE A 15 6.38 -7.24 -9.32
C ILE A 15 6.92 -8.13 -8.20
N GLU A 16 7.72 -7.53 -7.34
CA GLU A 16 8.30 -8.26 -6.22
C GLU A 16 7.21 -8.59 -5.20
N PHE A 17 6.25 -7.68 -5.04
CA PHE A 17 5.15 -7.87 -4.09
C PHE A 17 3.81 -7.96 -4.84
N PRO A 18 3.24 -9.15 -4.98
CA PRO A 18 1.94 -9.36 -5.69
C PRO A 18 0.76 -8.88 -4.86
N THR A 19 -0.43 -9.02 -5.40
CA THR A 19 -1.63 -8.58 -4.69
C THR A 19 -1.76 -9.26 -3.33
N GLU A 20 -1.62 -10.57 -3.31
CA GLU A 20 -1.73 -11.33 -2.05
C GLU A 20 -0.78 -10.78 -0.98
N LYS A 21 0.51 -10.78 -1.29
CA LYS A 21 1.51 -10.30 -0.33
C LYS A 21 1.38 -8.81 -0.08
N CYS A 22 1.46 -8.05 -1.17
CA CYS A 22 1.39 -6.60 -1.10
C CYS A 22 0.36 -6.15 -0.06
N ASN A 23 -0.90 -6.51 -0.28
CA ASN A 23 -1.96 -6.13 0.64
C ASN A 23 -1.71 -6.74 2.01
N LYS A 24 -1.44 -8.05 2.03
CA LYS A 24 -1.20 -8.74 3.30
C LYS A 24 -0.22 -7.95 4.14
N THR A 25 0.77 -7.35 3.49
CA THR A 25 1.76 -6.57 4.22
C THR A 25 1.09 -5.37 4.87
N CYS A 26 0.19 -4.74 4.14
CA CYS A 26 -0.53 -3.60 4.67
C CYS A 26 -1.54 -4.04 5.73
N ILE A 27 -2.11 -5.21 5.52
CA ILE A 27 -3.10 -5.77 6.43
C ILE A 27 -2.49 -6.09 7.77
N GLU A 28 -1.35 -6.77 7.74
CA GLU A 28 -0.66 -7.13 8.96
C GLU A 28 -0.07 -5.90 9.64
N SER A 29 0.26 -4.90 8.82
CA SER A 29 0.84 -3.67 9.34
C SER A 29 -0.18 -2.93 10.21
N ASN A 30 -1.36 -3.53 10.34
CA ASN A 30 -2.44 -2.94 11.14
C ASN A 30 -3.17 -1.88 10.34
N PHE A 31 -2.96 -1.86 9.02
CA PHE A 31 -3.62 -0.88 8.16
C PHE A 31 -4.81 -1.51 7.46
N ALA A 32 -5.35 -0.82 6.46
CA ALA A 32 -6.50 -1.31 5.73
C ALA A 32 -6.13 -2.41 4.74
N GLY A 33 -5.18 -2.11 3.87
CA GLY A 33 -4.73 -3.05 2.86
C GLY A 33 -3.86 -2.35 1.83
N GLY A 34 -3.26 -3.13 0.93
CA GLY A 34 -2.39 -2.57 -0.10
C GLY A 34 -2.70 -3.17 -1.45
N LYS A 35 -2.27 -2.49 -2.50
CA LYS A 35 -2.53 -2.94 -3.85
C LYS A 35 -1.55 -2.30 -4.83
N CYS A 36 -1.76 -2.56 -6.13
CA CYS A 36 -0.90 -2.00 -7.17
C CYS A 36 -1.62 -0.86 -7.90
N VAL A 37 -1.01 0.33 -7.85
CA VAL A 37 -1.59 1.51 -8.51
C VAL A 37 -0.50 2.32 -9.21
N HIS A 38 -0.95 3.24 -10.08
CA HIS A 38 -0.03 4.11 -10.82
C HIS A 38 -0.11 5.54 -10.29
N ILE A 39 0.96 6.31 -10.52
CA ILE A 39 1.02 7.69 -10.06
C ILE A 39 1.24 8.63 -11.23
N GLY A 40 0.41 9.66 -11.34
CA GLY A 40 0.55 10.62 -12.42
C GLY A 40 0.59 9.91 -13.76
N GLN A 41 1.62 10.19 -14.54
CA GLN A 41 1.79 9.57 -15.86
C GLN A 41 2.98 8.62 -15.86
N SER A 42 3.29 8.06 -14.68
CA SER A 42 4.40 7.13 -14.56
C SER A 42 3.98 5.72 -14.92
N LEU A 43 2.67 5.52 -15.05
CA LEU A 43 2.12 4.22 -15.39
C LEU A 43 2.92 3.09 -14.71
N ASP A 44 3.51 3.41 -13.57
CA ASP A 44 4.31 2.44 -12.82
C ASP A 44 3.49 1.86 -11.67
N PHE A 45 3.37 0.54 -11.63
CA PHE A 45 2.61 -0.13 -10.59
C PHE A 45 3.50 -0.35 -9.37
N VAL A 46 3.04 0.16 -8.23
CA VAL A 46 3.79 0.03 -6.99
C VAL A 46 2.90 -0.50 -5.89
N CYS A 47 3.51 -1.15 -4.91
CA CYS A 47 2.79 -1.73 -3.79
C CYS A 47 2.76 -0.74 -2.65
N VAL A 48 1.57 -0.28 -2.29
CA VAL A 48 1.44 0.69 -1.22
C VAL A 48 0.36 0.25 -0.23
N CYS A 49 0.48 0.72 1.01
CA CYS A 49 -0.50 0.36 2.04
C CYS A 49 -1.52 1.49 2.17
N PHE A 50 -2.66 1.23 2.82
CA PHE A 50 -3.69 2.24 2.97
C PHE A 50 -4.16 2.36 4.42
N PRO A 51 -4.06 3.52 5.03
CA PRO A 51 -4.51 3.71 6.44
C PRO A 51 -6.04 3.71 6.56
N LYS A 52 -6.52 3.46 7.78
CA LYS A 52 -7.95 3.44 8.03
C LYS A 52 -8.55 4.84 7.88
N TYR A 53 -7.67 5.84 7.90
CA TYR A 53 -8.09 7.24 7.78
C TYR A 53 -7.67 7.81 6.42
N TYR A 54 -7.83 7.00 5.37
CA TYR A 54 -7.48 7.44 4.03
C TYR A 54 -8.64 8.18 3.40
N ILE A 55 -8.60 9.51 3.48
CA ILE A 55 -9.66 10.34 2.93
C ILE A 55 -9.24 10.91 1.57
N LYS A 1 -16.75 10.54 7.26
CA LYS A 1 -15.41 10.07 7.73
C LYS A 1 -14.46 11.26 7.80
N ASP A 2 -14.11 11.68 9.01
CA ASP A 2 -13.20 12.80 9.20
C ASP A 2 -11.75 12.34 9.16
N ILE A 3 -11.54 11.09 8.79
CA ILE A 3 -10.19 10.53 8.72
C ILE A 3 -9.50 10.97 7.44
N ASP A 4 -8.40 11.70 7.57
CA ASP A 4 -7.65 12.17 6.41
C ASP A 4 -7.05 11.01 5.65
N GLY A 5 -6.52 10.03 6.39
CA GLY A 5 -5.91 8.87 5.77
C GLY A 5 -4.91 9.27 4.69
N ARG A 6 -3.81 9.86 5.12
CA ARG A 6 -2.77 10.31 4.19
C ARG A 6 -1.39 9.84 4.65
N LYS A 7 -1.31 8.64 5.20
CA LYS A 7 -0.04 8.09 5.68
C LYS A 7 0.23 6.73 5.04
N PRO A 8 0.14 6.65 3.75
CA PRO A 8 0.41 5.39 2.99
C PRO A 8 1.87 4.97 3.12
N LEU A 9 2.14 3.69 2.88
CA LEU A 9 3.51 3.16 2.97
C LEU A 9 3.85 2.32 1.74
N LEU A 10 4.87 2.74 0.99
CA LEU A 10 5.30 2.01 -0.19
C LEU A 10 6.42 1.05 0.19
N ILE A 11 6.25 -0.23 -0.18
CA ILE A 11 7.23 -1.26 0.15
C ILE A 11 8.06 -1.61 -1.09
N GLY A 12 7.37 -1.81 -2.20
CA GLY A 12 8.05 -2.14 -3.44
C GLY A 12 7.10 -2.07 -4.62
N THR A 13 7.21 -3.06 -5.51
CA THR A 13 6.36 -3.12 -6.70
C THR A 13 5.80 -4.52 -6.89
N CYS A 14 4.77 -4.64 -7.74
CA CYS A 14 4.16 -5.93 -7.98
C CYS A 14 5.20 -6.90 -8.53
N ILE A 15 6.41 -6.41 -8.76
CA ILE A 15 7.48 -7.24 -9.27
C ILE A 15 7.97 -8.18 -8.18
N GLU A 16 7.77 -7.78 -6.93
CA GLU A 16 8.21 -8.57 -5.79
C GLU A 16 7.07 -8.74 -4.78
N PHE A 17 6.20 -7.73 -4.69
CA PHE A 17 5.06 -7.78 -3.77
C PHE A 17 3.75 -7.78 -4.56
N PRO A 18 3.25 -8.94 -4.94
CA PRO A 18 1.97 -9.08 -5.73
C PRO A 18 0.76 -8.72 -4.89
N THR A 19 -0.41 -8.84 -5.49
CA THR A 19 -1.65 -8.50 -4.79
C THR A 19 -1.66 -9.09 -3.38
N GLU A 20 -1.75 -10.41 -3.28
CA GLU A 20 -1.80 -11.10 -1.99
C GLU A 20 -0.78 -10.53 -1.01
N LYS A 21 0.50 -10.75 -1.29
CA LYS A 21 1.56 -10.29 -0.39
C LYS A 21 1.47 -8.79 -0.13
N CYS A 22 1.37 -8.03 -1.18
CA CYS A 22 1.28 -6.59 -1.09
C CYS A 22 0.27 -6.17 -0.03
N ASN A 23 -1.00 -6.49 -0.26
CA ASN A 23 -2.05 -6.13 0.68
C ASN A 23 -1.81 -6.80 2.02
N LYS A 24 -1.48 -8.08 1.99
CA LYS A 24 -1.22 -8.81 3.23
C LYS A 24 -0.23 -8.05 4.08
N THR A 25 0.74 -7.44 3.42
CA THR A 25 1.76 -6.67 4.11
C THR A 25 1.14 -5.47 4.82
N CYS A 26 0.21 -4.83 4.15
CA CYS A 26 -0.47 -3.66 4.72
C CYS A 26 -1.45 -4.12 5.80
N ILE A 27 -2.06 -5.29 5.59
CA ILE A 27 -3.03 -5.82 6.53
C ILE A 27 -2.37 -6.19 7.84
N GLU A 28 -1.25 -6.89 7.74
CA GLU A 28 -0.53 -7.30 8.93
C GLU A 28 0.11 -6.10 9.60
N SER A 29 0.43 -5.10 8.81
CA SER A 29 1.05 -3.88 9.33
C SER A 29 0.08 -3.14 10.23
N ASN A 30 -1.11 -3.72 10.40
CA ASN A 30 -2.15 -3.14 11.24
C ASN A 30 -2.92 -2.06 10.48
N PHE A 31 -2.70 -1.99 9.15
CA PHE A 31 -3.38 -1.01 8.33
C PHE A 31 -4.58 -1.63 7.61
N ALA A 32 -5.16 -0.86 6.70
CA ALA A 32 -6.34 -1.33 5.96
C ALA A 32 -5.96 -2.43 4.95
N GLY A 33 -5.09 -2.08 4.01
CA GLY A 33 -4.66 -3.00 2.98
C GLY A 33 -3.81 -2.29 1.95
N GLY A 34 -3.29 -3.04 0.98
CA GLY A 34 -2.45 -2.45 -0.05
C GLY A 34 -2.80 -3.00 -1.43
N LYS A 35 -2.30 -2.34 -2.47
CA LYS A 35 -2.59 -2.77 -3.82
C LYS A 35 -1.55 -2.22 -4.79
N CYS A 36 -1.70 -2.58 -6.07
CA CYS A 36 -0.77 -2.11 -7.11
C CYS A 36 -1.46 -1.05 -7.97
N VAL A 37 -0.80 0.09 -8.13
CA VAL A 37 -1.35 1.19 -8.94
C VAL A 37 -0.28 1.76 -9.86
N HIS A 38 -0.72 2.44 -10.91
CA HIS A 38 0.22 3.05 -11.87
C HIS A 38 0.28 4.56 -11.67
N ILE A 39 1.39 5.14 -12.06
CA ILE A 39 1.58 6.59 -11.91
C ILE A 39 1.49 7.28 -13.26
N GLY A 40 0.65 8.31 -13.33
CA GLY A 40 0.48 9.06 -14.57
C GLY A 40 0.41 8.12 -15.78
N GLN A 41 1.57 7.86 -16.39
CA GLN A 41 1.64 6.97 -17.55
C GLN A 41 2.92 6.14 -17.51
N SER A 42 3.48 5.98 -16.32
CA SER A 42 4.70 5.19 -16.16
C SER A 42 4.38 3.71 -16.18
N LEU A 43 3.10 3.40 -16.13
CA LEU A 43 2.65 2.02 -16.13
C LEU A 43 3.48 1.20 -15.13
N ASP A 44 3.92 1.84 -14.06
CA ASP A 44 4.71 1.16 -13.02
C ASP A 44 3.80 0.78 -11.85
N PHE A 45 3.71 -0.50 -11.55
CA PHE A 45 2.87 -0.96 -10.46
C PHE A 45 3.62 -0.87 -9.14
N VAL A 46 3.09 -0.04 -8.24
CA VAL A 46 3.71 0.16 -6.92
C VAL A 46 2.81 -0.38 -5.83
N CYS A 47 3.41 -1.08 -4.87
CA CYS A 47 2.67 -1.66 -3.76
C CYS A 47 2.68 -0.69 -2.60
N VAL A 48 1.51 -0.18 -2.24
CA VAL A 48 1.40 0.79 -1.15
C VAL A 48 0.31 0.38 -0.18
N CYS A 49 0.49 0.76 1.09
CA CYS A 49 -0.48 0.44 2.13
C CYS A 49 -1.40 1.63 2.34
N PHE A 50 -2.55 1.41 2.99
CA PHE A 50 -3.51 2.50 3.21
C PHE A 50 -3.77 2.71 4.70
N PRO A 51 -3.82 3.94 5.16
CA PRO A 51 -4.08 4.23 6.61
C PRO A 51 -5.45 3.74 7.07
N LYS A 52 -5.54 3.37 8.35
CA LYS A 52 -6.80 2.89 8.92
C LYS A 52 -7.05 3.50 10.30
N TYR A 53 -5.98 3.60 11.11
CA TYR A 53 -6.10 4.16 12.46
C TYR A 53 -5.34 5.49 12.57
N TYR A 54 -5.07 6.11 11.42
CA TYR A 54 -4.37 7.38 11.40
C TYR A 54 -5.31 8.51 11.84
N ILE A 55 -4.82 9.33 12.77
CA ILE A 55 -5.61 10.45 13.26
C ILE A 55 -4.68 11.57 13.74
N LYS A 1 -7.06 14.71 -0.98
CA LYS A 1 -6.82 14.07 0.34
C LYS A 1 -7.87 14.57 1.33
N ASP A 2 -9.12 14.56 0.89
CA ASP A 2 -10.21 15.00 1.74
C ASP A 2 -10.48 13.95 2.81
N ILE A 3 -9.68 12.87 2.76
CA ILE A 3 -9.81 11.77 3.71
C ILE A 3 -8.88 11.96 4.91
N ASP A 4 -9.36 11.57 6.08
CA ASP A 4 -8.58 11.68 7.31
C ASP A 4 -7.32 10.84 7.21
N GLY A 5 -7.46 9.65 6.65
CA GLY A 5 -6.33 8.74 6.50
C GLY A 5 -5.49 9.13 5.29
N ARG A 6 -4.36 9.75 5.56
CA ARG A 6 -3.45 10.18 4.49
C ARG A 6 -2.00 9.78 4.81
N LYS A 7 -1.80 8.59 5.39
CA LYS A 7 -0.46 8.10 5.74
C LYS A 7 -0.19 6.72 5.12
N PRO A 8 -0.05 6.65 3.82
CA PRO A 8 0.23 5.37 3.11
C PRO A 8 1.70 4.95 3.26
N LEU A 9 1.99 3.67 3.01
CA LEU A 9 3.37 3.17 3.14
C LEU A 9 3.75 2.33 1.93
N LEU A 10 4.80 2.72 1.22
CA LEU A 10 5.26 1.96 0.05
C LEU A 10 6.25 0.90 0.52
N ILE A 11 6.09 -0.32 0.01
CA ILE A 11 6.97 -1.42 0.41
C ILE A 11 7.90 -1.81 -0.72
N GLY A 12 7.40 -1.72 -1.94
CA GLY A 12 8.20 -2.06 -3.10
C GLY A 12 7.37 -1.98 -4.37
N THR A 13 7.72 -2.80 -5.34
CA THR A 13 7.01 -2.82 -6.61
C THR A 13 6.01 -3.97 -6.64
N CYS A 14 5.05 -3.88 -7.53
CA CYS A 14 4.03 -4.92 -7.65
C CYS A 14 4.63 -6.17 -8.27
N ILE A 15 5.95 -6.15 -8.45
CA ILE A 15 6.65 -7.30 -9.03
C ILE A 15 7.11 -8.24 -7.93
N GLU A 16 7.67 -7.66 -6.87
CA GLU A 16 8.17 -8.45 -5.74
C GLU A 16 7.04 -8.68 -4.73
N PHE A 17 6.01 -7.85 -4.78
CA PHE A 17 4.86 -7.99 -3.86
C PHE A 17 3.56 -8.21 -4.65
N PRO A 18 3.09 -9.43 -4.79
CA PRO A 18 1.83 -9.75 -5.53
C PRO A 18 0.61 -9.28 -4.76
N THR A 19 -0.55 -9.38 -5.38
CA THR A 19 -1.77 -8.95 -4.73
C THR A 19 -1.86 -9.51 -3.31
N GLU A 20 -1.67 -10.80 -3.17
CA GLU A 20 -1.74 -11.45 -1.86
C GLU A 20 -0.78 -10.82 -0.84
N LYS A 21 0.53 -11.00 -1.04
CA LYS A 21 1.52 -10.48 -0.11
C LYS A 21 1.40 -8.96 0.05
N CYS A 22 1.28 -8.29 -1.06
CA CYS A 22 1.17 -6.86 -1.07
C CYS A 22 0.17 -6.36 -0.05
N ASN A 23 -1.11 -6.70 -0.25
CA ASN A 23 -2.14 -6.26 0.67
C ASN A 23 -1.94 -6.90 2.04
N LYS A 24 -1.64 -8.18 2.07
CA LYS A 24 -1.44 -8.86 3.34
C LYS A 24 -0.42 -8.10 4.16
N THR A 25 0.60 -7.61 3.51
CA THR A 25 1.63 -6.87 4.21
C THR A 25 1.07 -5.61 4.85
N CYS A 26 0.22 -4.90 4.11
CA CYS A 26 -0.39 -3.69 4.63
C CYS A 26 -1.33 -4.07 5.77
N ILE A 27 -1.96 -5.22 5.62
CA ILE A 27 -2.88 -5.74 6.60
C ILE A 27 -2.14 -6.08 7.89
N GLU A 28 -0.94 -6.60 7.71
CA GLU A 28 -0.11 -6.99 8.84
C GLU A 28 0.25 -5.76 9.66
N SER A 29 0.49 -4.65 8.98
CA SER A 29 0.84 -3.41 9.63
C SER A 29 -0.38 -2.87 10.39
N ASN A 30 -1.48 -3.62 10.31
CA ASN A 30 -2.72 -3.22 10.97
C ASN A 30 -3.41 -2.11 10.20
N PHE A 31 -3.09 -1.98 8.89
CA PHE A 31 -3.70 -0.95 8.07
C PHE A 31 -4.88 -1.53 7.28
N ALA A 32 -5.35 -0.77 6.30
CA ALA A 32 -6.51 -1.19 5.49
C ALA A 32 -6.14 -2.31 4.52
N GLY A 33 -5.08 -2.09 3.76
CA GLY A 33 -4.64 -3.06 2.77
C GLY A 33 -3.73 -2.39 1.76
N GLY A 34 -3.25 -3.15 0.78
CA GLY A 34 -2.35 -2.62 -0.23
C GLY A 34 -2.78 -3.04 -1.62
N LYS A 35 -2.35 -2.27 -2.61
CA LYS A 35 -2.70 -2.54 -4.00
C LYS A 35 -1.63 -1.96 -4.94
N CYS A 36 -1.72 -2.34 -6.21
CA CYS A 36 -0.78 -1.86 -7.22
C CYS A 36 -1.45 -0.80 -8.09
N VAL A 37 -0.83 0.38 -8.16
CA VAL A 37 -1.37 1.48 -8.97
C VAL A 37 -0.28 2.17 -9.76
N HIS A 38 -0.68 2.91 -10.80
CA HIS A 38 0.27 3.63 -11.64
C HIS A 38 0.51 5.04 -11.09
N ILE A 39 1.67 5.60 -11.41
CA ILE A 39 2.03 6.94 -10.94
C ILE A 39 2.06 7.93 -12.10
N GLY A 40 1.25 8.98 -12.01
CA GLY A 40 1.21 9.99 -13.05
C GLY A 40 1.13 9.36 -14.44
N GLN A 41 0.56 8.17 -14.49
CA GLN A 41 0.43 7.44 -15.76
C GLN A 41 1.80 7.12 -16.33
N SER A 42 2.75 6.83 -15.44
CA SER A 42 4.11 6.50 -15.86
C SER A 42 4.22 5.04 -16.25
N LEU A 43 3.17 4.29 -16.00
CA LEU A 43 3.16 2.88 -16.32
C LEU A 43 4.04 2.11 -15.31
N ASP A 44 4.16 2.66 -14.10
CA ASP A 44 4.95 2.00 -13.04
C ASP A 44 4.00 1.53 -11.94
N PHE A 45 3.94 0.22 -11.72
CA PHE A 45 3.08 -0.34 -10.69
C PHE A 45 3.84 -0.46 -9.38
N VAL A 46 3.32 0.23 -8.36
CA VAL A 46 3.93 0.23 -7.03
C VAL A 46 2.92 -0.24 -6.00
N CYS A 47 3.41 -1.03 -5.06
CA CYS A 47 2.57 -1.56 -4.01
C CYS A 47 2.65 -0.66 -2.79
N VAL A 48 1.51 -0.14 -2.37
CA VAL A 48 1.48 0.77 -1.22
C VAL A 48 0.35 0.40 -0.28
N CYS A 49 0.54 0.70 1.00
CA CYS A 49 -0.46 0.40 2.04
C CYS A 49 -1.35 1.62 2.22
N PHE A 50 -2.53 1.44 2.82
CA PHE A 50 -3.45 2.57 3.00
C PHE A 50 -3.91 2.70 4.46
N PRO A 51 -4.06 3.89 4.97
CA PRO A 51 -4.51 4.10 6.37
C PRO A 51 -5.91 3.55 6.63
N LYS A 52 -6.14 3.09 7.86
CA LYS A 52 -7.44 2.53 8.25
C LYS A 52 -8.03 3.30 9.43
N TYR A 53 -7.24 3.44 10.50
CA TYR A 53 -7.69 4.15 11.70
C TYR A 53 -6.82 5.38 11.95
N TYR A 54 -6.14 5.85 10.92
CA TYR A 54 -5.28 7.02 11.05
C TYR A 54 -6.11 8.29 10.98
N ILE A 55 -5.92 9.18 11.96
CA ILE A 55 -6.67 10.43 11.99
C ILE A 55 -5.79 11.56 12.50
N LYS A 1 -3.28 1.23 17.40
CA LYS A 1 -1.98 1.94 17.42
C LYS A 1 -2.24 3.44 17.63
N ASP A 2 -1.53 4.00 18.62
CA ASP A 2 -1.68 5.42 18.92
C ASP A 2 -0.78 6.26 18.02
N ILE A 3 -0.10 5.59 17.10
CA ILE A 3 0.80 6.29 16.17
C ILE A 3 0.00 7.13 15.20
N ASP A 4 0.42 8.39 15.06
CA ASP A 4 -0.25 9.31 14.16
C ASP A 4 -0.09 8.86 12.72
N GLY A 5 1.08 8.30 12.41
CA GLY A 5 1.39 7.82 11.06
C GLY A 5 0.14 7.35 10.34
N ARG A 6 -0.42 8.24 9.53
CA ARG A 6 -1.63 7.96 8.80
C ARG A 6 -1.43 8.21 7.30
N LYS A 7 -0.27 7.81 6.78
CA LYS A 7 0.03 8.02 5.36
C LYS A 7 0.36 6.69 4.68
N PRO A 8 0.17 6.58 3.39
CA PRO A 8 0.51 5.32 2.64
C PRO A 8 1.99 4.95 2.82
N LEU A 9 2.28 3.65 2.79
CA LEU A 9 3.67 3.17 2.93
C LEU A 9 4.08 2.37 1.70
N LEU A 10 5.10 2.85 0.98
CA LEU A 10 5.56 2.14 -0.22
C LEU A 10 6.62 1.13 0.19
N ILE A 11 6.40 -0.13 -0.18
CA ILE A 11 7.33 -1.21 0.16
C ILE A 11 8.14 -1.63 -1.06
N GLY A 12 7.50 -1.61 -2.23
CA GLY A 12 8.15 -2.00 -3.46
C GLY A 12 7.19 -1.96 -4.64
N THR A 13 7.24 -2.99 -5.46
CA THR A 13 6.38 -3.09 -6.64
C THR A 13 5.75 -4.47 -6.73
N CYS A 14 4.68 -4.58 -7.51
CA CYS A 14 3.98 -5.85 -7.65
C CYS A 14 4.95 -6.94 -8.14
N ILE A 15 6.16 -6.54 -8.52
CA ILE A 15 7.13 -7.50 -9.00
C ILE A 15 7.65 -8.36 -7.86
N GLU A 16 7.94 -7.71 -6.73
CA GLU A 16 8.45 -8.40 -5.56
C GLU A 16 7.34 -8.66 -4.54
N PHE A 17 6.27 -7.86 -4.61
CA PHE A 17 5.14 -8.01 -3.69
C PHE A 17 3.86 -8.30 -4.47
N PRO A 18 3.63 -9.55 -4.81
CA PRO A 18 2.40 -9.97 -5.54
C PRO A 18 1.15 -9.50 -4.81
N THR A 19 0.01 -9.54 -5.46
CA THR A 19 -1.23 -9.07 -4.85
C THR A 19 -1.39 -9.61 -3.43
N GLU A 20 -1.39 -10.92 -3.30
CA GLU A 20 -1.55 -11.56 -2.00
C GLU A 20 -0.65 -10.92 -0.93
N LYS A 21 0.66 -10.94 -1.14
CA LYS A 21 1.60 -10.35 -0.19
C LYS A 21 1.40 -8.86 -0.06
N CYS A 22 1.27 -8.21 -1.19
CA CYS A 22 1.11 -6.78 -1.21
C CYS A 22 0.10 -6.32 -0.14
N ASN A 23 -1.14 -6.77 -0.29
CA ASN A 23 -2.18 -6.39 0.66
C ASN A 23 -1.88 -6.94 2.04
N LYS A 24 -1.57 -8.23 2.12
CA LYS A 24 -1.27 -8.84 3.40
C LYS A 24 -0.26 -8.02 4.16
N THR A 25 0.67 -7.44 3.43
CA THR A 25 1.70 -6.61 4.03
C THR A 25 1.07 -5.40 4.71
N CYS A 26 0.12 -4.80 4.03
CA CYS A 26 -0.56 -3.63 4.60
C CYS A 26 -1.51 -4.08 5.72
N ILE A 27 -2.13 -5.23 5.54
CA ILE A 27 -3.07 -5.77 6.50
C ILE A 27 -2.38 -6.10 7.81
N GLU A 28 -1.25 -6.79 7.69
CA GLU A 28 -0.51 -7.17 8.87
C GLU A 28 0.16 -5.96 9.51
N SER A 29 0.37 -4.92 8.70
CA SER A 29 0.98 -3.70 9.17
C SER A 29 0.03 -2.96 10.07
N ASN A 30 -1.12 -3.58 10.31
CA ASN A 30 -2.16 -3.01 11.15
C ASN A 30 -2.93 -1.93 10.39
N PHE A 31 -2.91 -1.98 9.07
CA PHE A 31 -3.61 -1.01 8.25
C PHE A 31 -4.79 -1.65 7.53
N ALA A 32 -5.35 -0.92 6.57
CA ALA A 32 -6.51 -1.41 5.83
C ALA A 32 -6.14 -2.50 4.83
N GLY A 33 -5.24 -2.15 3.91
CA GLY A 33 -4.82 -3.08 2.87
C GLY A 33 -3.93 -2.38 1.86
N GLY A 34 -3.32 -3.16 0.98
CA GLY A 34 -2.41 -2.63 -0.03
C GLY A 34 -2.87 -2.99 -1.43
N LYS A 35 -2.39 -2.24 -2.42
CA LYS A 35 -2.77 -2.48 -3.80
C LYS A 35 -1.70 -1.95 -4.75
N CYS A 36 -1.78 -2.36 -6.01
CA CYS A 36 -0.83 -1.93 -7.03
C CYS A 36 -1.49 -0.92 -7.97
N VAL A 37 -0.87 0.25 -8.09
CA VAL A 37 -1.40 1.31 -8.96
C VAL A 37 -0.28 1.97 -9.75
N HIS A 38 -0.65 2.65 -10.84
CA HIS A 38 0.34 3.34 -11.68
C HIS A 38 0.54 4.76 -11.19
N ILE A 39 1.68 5.34 -11.51
CA ILE A 39 2.01 6.70 -11.10
C ILE A 39 2.20 7.60 -12.32
N GLY A 40 1.51 8.74 -12.31
CA GLY A 40 1.63 9.70 -13.41
C GLY A 40 1.53 8.99 -14.75
N GLN A 41 0.93 7.82 -14.75
CA GLN A 41 0.78 7.04 -15.96
C GLN A 41 2.14 6.52 -16.42
N SER A 42 2.99 6.15 -15.46
CA SER A 42 4.31 5.62 -15.77
C SER A 42 4.25 4.12 -16.01
N LEU A 43 3.03 3.59 -15.93
CA LEU A 43 2.83 2.16 -16.12
C LEU A 43 3.68 1.36 -15.14
N ASP A 44 3.98 1.97 -13.99
CA ASP A 44 4.77 1.30 -12.95
C ASP A 44 3.87 0.91 -11.79
N PHE A 45 3.78 -0.38 -11.50
CA PHE A 45 2.92 -0.85 -10.42
C PHE A 45 3.66 -0.76 -9.09
N VAL A 46 3.16 0.08 -8.20
CA VAL A 46 3.75 0.27 -6.88
C VAL A 46 2.82 -0.28 -5.81
N CYS A 47 3.41 -1.03 -4.88
CA CYS A 47 2.65 -1.62 -3.79
C CYS A 47 2.70 -0.70 -2.59
N VAL A 48 1.56 -0.12 -2.24
CA VAL A 48 1.48 0.79 -1.09
C VAL A 48 0.35 0.39 -0.16
N CYS A 49 0.47 0.76 1.11
CA CYS A 49 -0.56 0.44 2.10
C CYS A 49 -1.51 1.62 2.26
N PHE A 50 -2.65 1.39 2.91
CA PHE A 50 -3.63 2.47 3.10
C PHE A 50 -4.01 2.62 4.56
N PRO A 51 -3.75 3.76 5.18
CA PRO A 51 -4.10 3.96 6.61
C PRO A 51 -5.58 3.64 6.90
N LYS A 52 -5.81 2.95 8.01
CA LYS A 52 -7.16 2.59 8.39
C LYS A 52 -8.00 3.83 8.71
N TYR A 53 -7.31 4.94 8.95
CA TYR A 53 -7.99 6.19 9.28
C TYR A 53 -7.91 7.16 8.11
N TYR A 54 -8.09 6.64 6.89
CA TYR A 54 -8.06 7.44 5.68
C TYR A 54 -9.44 7.47 5.04
N ILE A 55 -9.95 8.67 4.78
CA ILE A 55 -11.27 8.82 4.16
C ILE A 55 -11.21 9.84 3.04
#